data_7SGK
#
_entry.id   7SGK
#
_cell.length_a   80.548
_cell.length_b   80.548
_cell.length_c   243.350
_cell.angle_alpha   90.000
_cell.angle_beta   90.000
_cell.angle_gamma   120.000
#
_symmetry.space_group_name_H-M   'P 31 2 1'
#
loop_
_entity.id
_entity.type
_entity.pdbx_description
1 polymer 'Polyamine deacetylase HDAC10'
2 non-polymer N-(2-{[4-(hydroxyamino)-4-oxobutyl](methyl)amino}ethyl)benzamide
3 non-polymer 'ZINC ION'
4 non-polymer 'POTASSIUM ION'
5 non-polymer 'PHOSPHATE ION'
6 non-polymer 'SODIUM ION'
7 water water
#
_entity_poly.entity_id   1
_entity_poly.type   'polypeptide(L)'
_entity_poly.pdbx_seq_one_letter_code
;AASGSALIFDEEMSRYKLLWTDPECEIEVPERLTVSYEALRTHGLAQRCKAVPVRQATEQEILLAHSEEYLEAVKQTPGM
NVEELMAFSKKYNAVYFHQNIYHCAKLAAGATLQLVDSVMKREVRNGMALVRPPGHHSQRSAANGFCVFNNVAFAALYAK
KNYNLNRILIVDWDVHHGQGIQYCFEEDPSVLYFSWHRYEHQSFWPNLPESDYSSVGKGKGSGFNINLPWNKVGMTNSDY
LAAFFHVLLPVAYEFDPELVIVSAGFDSAIGDPEGEMCALPEIFAHLTHLLMPLAAGKMCVVLEGGYNLTSLGQSVCQTV
HSLLGDPTPRISGLGTACDSALESIQNVRNVQSSYWSSFKHLAQSETNPKRPRLDATNGGPKESSEPASESNPKKTAQDI
VWPEPLKRMPASVRTVVVPPPGVELTLPKNCQHSGDISESTAKEVQRIRDKHFHDLTDQNILRSLGNIISVLDRMMRSDE
VCNGCVVVSDLSVSVQCALQHALTEPAERVLVVYVGDGELPVKTNDGKVFLVQICTKETEDKCVNRLTLCLREGESLTAG
FMQALLGLILPVAYEFNPALVLGIVEETAAKTRLMRVWGHMTCLIQGLARGRMLTLLQGYDKDLLELTVSALSGASISPL
GPLRAPKPEDVEMMEKQRQRLQERWGLLRCTVSESW
;
_entity_poly.pdbx_strand_id   A
#
# COMPACT_ATOMS: atom_id res chain seq x y z
N ALA A 1 13.56 1.68 18.11
CA ALA A 1 12.95 2.19 16.89
C ALA A 1 11.58 2.77 17.19
N ALA A 2 10.97 3.41 16.19
CA ALA A 2 9.73 4.13 16.42
C ALA A 2 8.53 3.18 16.47
N SER A 3 7.47 3.66 17.14
CA SER A 3 6.24 2.91 17.24
CA SER A 3 6.25 2.90 17.31
C SER A 3 5.10 3.89 17.46
N GLY A 4 3.88 3.42 17.21
CA GLY A 4 2.69 4.24 17.30
C GLY A 4 2.34 4.95 15.99
N SER A 5 1.10 5.45 15.94
CA SER A 5 0.55 6.14 14.79
C SER A 5 -0.01 7.48 15.25
N ALA A 6 0.40 8.56 14.61
CA ALA A 6 -0.13 9.86 14.97
C ALA A 6 -1.48 10.12 14.30
N LEU A 7 -2.39 10.76 15.04
CA LEU A 7 -3.66 11.24 14.49
C LEU A 7 -3.74 12.71 14.86
N ILE A 8 -3.49 13.58 13.88
CA ILE A 8 -3.52 15.01 14.09
C ILE A 8 -4.87 15.51 13.58
N PHE A 9 -5.64 16.13 14.46
CA PHE A 9 -6.99 16.57 14.15
C PHE A 9 -7.35 17.70 15.10
N ASP A 10 -8.25 18.58 14.66
CA ASP A 10 -8.76 19.63 15.53
C ASP A 10 -10.11 20.09 15.03
N GLU A 11 -11.07 20.20 15.94
CA GLU A 11 -12.43 20.59 15.57
C GLU A 11 -12.49 21.97 14.94
N GLU A 12 -11.47 22.81 15.18
CA GLU A 12 -11.52 24.18 14.65
C GLU A 12 -11.56 24.20 13.12
N MET A 13 -11.01 23.18 12.45
CA MET A 13 -11.00 23.13 10.99
C MET A 13 -12.38 22.82 10.44
N SER A 14 -13.34 22.45 11.28
CA SER A 14 -14.72 22.36 10.83
C SER A 14 -15.46 23.70 10.98
N ARG A 15 -14.77 24.75 11.41
CA ARG A 15 -15.45 26.02 11.69
C ARG A 15 -15.26 27.04 10.56
N TYR A 16 -15.43 26.55 9.33
CA TYR A 16 -15.65 27.40 8.16
C TYR A 16 -16.51 26.58 7.21
N LYS A 17 -17.32 27.28 6.43
CA LYS A 17 -18.21 26.60 5.47
C LYS A 17 -18.56 27.60 4.37
N LEU A 18 -19.31 27.09 3.37
CA LEU A 18 -19.80 27.90 2.26
C LEU A 18 -21.02 28.74 2.67
N LEU A 19 -20.98 30.05 2.36
CA LEU A 19 -21.97 31.01 2.83
C LEU A 19 -22.96 31.48 1.75
N TRP A 20 -22.95 30.86 0.57
CA TRP A 20 -23.86 31.26 -0.49
C TRP A 20 -24.13 30.05 -1.37
N THR A 21 -25.18 30.15 -2.18
CA THR A 21 -25.49 29.09 -3.11
C THR A 21 -24.34 28.89 -4.10
N ASP A 22 -23.87 27.66 -4.21
CA ASP A 22 -22.89 27.30 -5.23
C ASP A 22 -22.84 25.78 -5.30
N PRO A 23 -23.50 25.18 -6.28
CA PRO A 23 -23.52 23.71 -6.37
C PRO A 23 -22.15 23.11 -6.65
N GLU A 24 -21.23 23.87 -7.22
CA GLU A 24 -19.89 23.36 -7.43
C GLU A 24 -19.17 23.06 -6.12
N CYS A 25 -19.43 23.84 -5.06
CA CYS A 25 -18.67 23.76 -3.82
C CYS A 25 -19.44 23.14 -2.66
N GLU A 26 -20.75 23.01 -2.78
CA GLU A 26 -21.59 22.66 -1.66
C GLU A 26 -21.36 21.26 -1.13
N ILE A 27 -20.54 20.46 -1.81
CA ILE A 27 -20.21 19.15 -1.27
C ILE A 27 -19.10 19.22 -0.24
N GLU A 28 -18.35 20.31 -0.21
CA GLU A 28 -17.20 20.40 0.68
C GLU A 28 -17.67 21.01 2.01
N VAL A 29 -18.02 20.15 2.97
CA VAL A 29 -18.73 20.56 4.19
C VAL A 29 -17.89 20.30 5.44
N PRO A 30 -18.13 21.06 6.52
CA PRO A 30 -17.47 20.75 7.81
C PRO A 30 -17.69 19.34 8.28
N GLU A 31 -18.86 18.77 8.03
CA GLU A 31 -19.18 17.43 8.51
C GLU A 31 -18.24 16.38 7.99
N ARG A 32 -17.56 16.64 6.86
CA ARG A 32 -16.56 15.69 6.38
C ARG A 32 -15.53 15.39 7.47
N LEU A 33 -15.16 16.43 8.24
CA LEU A 33 -14.16 16.26 9.28
C LEU A 33 -14.75 15.59 10.51
N THR A 34 -15.93 16.02 10.95
CA THR A 34 -16.49 15.45 12.16
C THR A 34 -16.91 14.00 11.96
N VAL A 35 -17.40 13.66 10.75
CA VAL A 35 -17.80 12.28 10.47
C VAL A 35 -16.60 11.34 10.49
N SER A 36 -15.45 11.78 9.96
CA SER A 36 -14.31 10.86 9.95
C SER A 36 -13.71 10.68 11.35
N TYR A 37 -13.66 11.74 12.16
CA TYR A 37 -13.11 11.55 13.49
C TYR A 37 -14.03 10.67 14.34
N GLU A 38 -15.34 10.91 14.26
CA GLU A 38 -16.28 10.08 14.99
C GLU A 38 -16.22 8.63 14.56
N ALA A 39 -15.93 8.39 13.27
CA ALA A 39 -15.79 7.01 12.81
C ALA A 39 -14.56 6.36 13.40
N LEU A 40 -13.46 7.10 13.49
CA LEU A 40 -12.28 6.59 14.16
C LEU A 40 -12.57 6.31 15.64
N ARG A 41 -13.41 7.14 16.25
CA ARG A 41 -13.75 6.95 17.67
C ARG A 41 -14.64 5.73 17.87
N THR A 42 -15.76 5.67 17.16
CA THR A 42 -16.67 4.53 17.21
C THR A 42 -15.92 3.19 17.14
N HIS A 43 -14.93 3.11 16.26
CA HIS A 43 -14.20 1.87 16.03
C HIS A 43 -12.95 1.73 16.89
N GLY A 44 -12.78 2.61 17.87
CA GLY A 44 -11.66 2.49 18.78
C GLY A 44 -10.31 2.81 18.18
N LEU A 45 -10.28 3.49 17.03
CA LEU A 45 -9.02 3.76 16.34
C LEU A 45 -8.38 5.08 16.78
N ALA A 46 -9.18 6.12 16.97
CA ALA A 46 -8.61 7.38 17.45
C ALA A 46 -7.99 7.20 18.84
N GLN A 47 -8.55 6.28 19.65
CA GLN A 47 -8.01 6.03 20.99
C GLN A 47 -6.66 5.33 20.95
N ARG A 48 -6.40 4.54 19.91
CA ARG A 48 -5.11 3.85 19.79
C ARG A 48 -4.02 4.74 19.19
N CYS A 49 -4.35 5.95 18.78
CA CYS A 49 -3.40 6.81 18.09
C CYS A 49 -2.81 7.83 19.05
N LYS A 50 -1.54 8.17 18.85
CA LYS A 50 -0.96 9.33 19.55
C LYS A 50 -1.54 10.61 18.97
N ALA A 51 -2.35 11.33 19.73
CA ALA A 51 -2.85 12.62 19.28
C ALA A 51 -1.73 13.64 19.38
N VAL A 52 -1.50 14.35 18.29
CA VAL A 52 -0.52 15.43 18.22
C VAL A 52 -1.35 16.67 17.91
N PRO A 53 -1.11 17.79 18.59
CA PRO A 53 -1.95 18.97 18.36
C PRO A 53 -1.61 19.67 17.06
N VAL A 54 -2.58 20.42 16.56
CA VAL A 54 -2.33 21.25 15.39
C VAL A 54 -1.55 22.49 15.82
N ARG A 55 -0.81 23.06 14.87
CA ARG A 55 -0.28 24.41 15.00
C ARG A 55 -0.57 25.15 13.71
N GLN A 56 -0.43 26.47 13.76
CA GLN A 56 -0.44 27.26 12.53
C GLN A 56 0.87 27.05 11.79
N ALA A 57 0.79 26.92 10.47
CA ALA A 57 1.98 27.12 9.65
C ALA A 57 2.44 28.57 9.79
N THR A 58 3.75 28.78 9.80
CA THR A 58 4.22 30.15 9.89
C THR A 58 4.24 30.79 8.51
N GLU A 59 4.48 32.11 8.49
CA GLU A 59 4.56 32.84 7.24
C GLU A 59 5.70 32.32 6.38
N GLN A 60 6.87 32.12 6.98
CA GLN A 60 8.00 31.56 6.25
C GLN A 60 7.70 30.15 5.73
N GLU A 61 6.87 29.38 6.43
CA GLU A 61 6.53 28.06 5.93
C GLU A 61 5.56 28.14 4.74
N ILE A 62 4.59 29.06 4.79
CA ILE A 62 3.68 29.24 3.67
C ILE A 62 4.44 29.68 2.44
N LEU A 63 5.45 30.54 2.62
CA LEU A 63 6.23 31.07 1.51
C LEU A 63 7.13 30.01 0.87
N LEU A 64 7.22 28.82 1.45
CA LEU A 64 7.95 27.74 0.79
C LEU A 64 7.28 27.32 -0.51
N ALA A 65 5.95 27.43 -0.58
CA ALA A 65 5.22 27.01 -1.75
C ALA A 65 4.35 28.09 -2.34
N HIS A 66 4.23 29.25 -1.70
CA HIS A 66 3.29 30.24 -2.20
C HIS A 66 3.96 31.61 -2.29
N SER A 67 3.37 32.48 -3.09
CA SER A 67 3.96 33.78 -3.32
C SER A 67 3.50 34.75 -2.25
N GLU A 68 4.35 35.76 -1.97
CA GLU A 68 3.97 36.79 -1.01
C GLU A 68 2.71 37.51 -1.44
N GLU A 69 2.53 37.73 -2.75
CA GLU A 69 1.34 38.44 -3.19
C GLU A 69 0.08 37.64 -2.93
N TYR A 70 0.15 36.31 -3.03
CA TYR A 70 -1.03 35.51 -2.80
C TYR A 70 -1.29 35.33 -1.30
N LEU A 71 -0.23 35.15 -0.51
CA LEU A 71 -0.41 35.12 0.94
C LEU A 71 -1.03 36.42 1.44
N GLU A 72 -0.44 37.56 1.05
CA GLU A 72 -0.99 38.85 1.47
C GLU A 72 -2.46 38.98 1.08
N ALA A 73 -2.85 38.45 -0.07
CA ALA A 73 -4.25 38.55 -0.47
C ALA A 73 -5.14 37.67 0.40
N VAL A 74 -4.73 36.43 0.64
CA VAL A 74 -5.54 35.55 1.48
C VAL A 74 -5.58 36.08 2.91
N LYS A 75 -4.48 36.65 3.38
CA LYS A 75 -4.38 37.22 4.73
C LYS A 75 -5.42 38.29 4.99
N GLN A 76 -6.03 38.85 3.93
CA GLN A 76 -7.03 39.88 4.11
C GLN A 76 -8.46 39.34 4.17
N THR A 77 -8.67 38.06 3.91
CA THR A 77 -10.04 37.57 3.90
C THR A 77 -10.70 37.53 5.30
N PRO A 78 -9.97 37.32 6.41
CA PRO A 78 -10.66 37.38 7.72
C PRO A 78 -11.40 38.68 7.95
N GLY A 79 -10.92 39.79 7.42
CA GLY A 79 -11.68 41.03 7.53
C GLY A 79 -12.76 41.25 6.51
N MET A 80 -13.09 40.28 5.64
CA MET A 80 -14.09 40.50 4.60
C MET A 80 -15.46 40.09 5.09
N ASN A 81 -16.47 40.89 4.74
CA ASN A 81 -17.86 40.46 4.82
C ASN A 81 -18.20 39.52 3.66
N VAL A 82 -19.45 39.04 3.63
CA VAL A 82 -19.84 37.97 2.70
C VAL A 82 -19.74 38.44 1.24
N GLU A 83 -20.21 39.66 0.96
CA GLU A 83 -20.13 40.19 -0.41
C GLU A 83 -18.71 40.21 -0.91
N GLU A 84 -17.79 40.69 -0.06
CA GLU A 84 -16.39 40.74 -0.43
C GLU A 84 -15.78 39.35 -0.53
N LEU A 85 -16.25 38.41 0.30
CA LEU A 85 -15.74 37.04 0.23
C LEU A 85 -16.21 36.31 -1.03
N MET A 86 -17.43 36.59 -1.49
CA MET A 86 -17.88 36.02 -2.74
C MET A 86 -17.08 36.57 -3.90
N ALA A 87 -16.91 37.90 -3.94
CA ALA A 87 -16.11 38.54 -4.98
C ALA A 87 -14.69 38.00 -5.01
N PHE A 88 -14.10 37.72 -3.84
CA PHE A 88 -12.74 37.18 -3.81
C PHE A 88 -12.73 35.74 -4.30
N SER A 89 -13.77 34.98 -3.96
CA SER A 89 -13.85 33.59 -4.37
C SER A 89 -13.94 33.46 -5.89
N LYS A 90 -14.65 34.40 -6.54
CA LYS A 90 -14.85 34.32 -7.99
C LYS A 90 -13.56 34.57 -8.77
N LYS A 91 -12.53 35.11 -8.14
CA LYS A 91 -11.27 35.26 -8.85
C LYS A 91 -10.58 33.92 -9.08
N TYR A 92 -11.14 32.82 -8.58
CA TYR A 92 -10.53 31.51 -8.64
C TYR A 92 -11.59 30.50 -9.05
N ASN A 93 -11.14 29.29 -9.30
CA ASN A 93 -11.99 28.25 -9.87
C ASN A 93 -12.33 27.21 -8.80
N ALA A 94 -13.63 27.04 -8.56
CA ALA A 94 -14.13 25.98 -7.68
C ALA A 94 -13.56 26.10 -6.27
N VAL A 95 -13.71 27.28 -5.68
CA VAL A 95 -13.20 27.51 -4.34
C VAL A 95 -14.03 28.61 -3.70
N TYR A 96 -14.23 28.51 -2.38
CA TYR A 96 -14.94 29.52 -1.62
C TYR A 96 -14.12 29.91 -0.40
N PHE A 97 -14.41 31.09 0.12
CA PHE A 97 -13.71 31.66 1.26
C PHE A 97 -14.71 31.99 2.35
N HIS A 98 -14.17 32.18 3.56
CA HIS A 98 -14.93 32.31 4.79
C HIS A 98 -14.04 33.11 5.74
N GLN A 99 -14.67 33.88 6.63
CA GLN A 99 -13.92 34.65 7.62
CA GLN A 99 -13.91 34.66 7.61
C GLN A 99 -12.83 33.81 8.28
N ASN A 100 -13.08 32.52 8.46
CA ASN A 100 -12.21 31.67 9.24
C ASN A 100 -11.35 30.73 8.41
N ILE A 101 -11.45 30.78 7.06
CA ILE A 101 -10.74 29.79 6.26
C ILE A 101 -9.24 30.06 6.23
N TYR A 102 -8.82 31.33 6.26
CA TYR A 102 -7.40 31.62 6.37
C TYR A 102 -6.83 30.99 7.62
N HIS A 103 -7.52 31.21 8.76
CA HIS A 103 -7.14 30.58 10.01
C HIS A 103 -7.05 29.06 9.87
N CYS A 104 -8.08 28.42 9.29
CA CYS A 104 -8.02 26.95 9.17
C CYS A 104 -6.99 26.46 8.15
N ALA A 105 -6.80 27.20 7.06
CA ALA A 105 -5.75 26.80 6.12
C ALA A 105 -4.37 26.76 6.80
N LYS A 106 -4.07 27.76 7.63
CA LYS A 106 -2.79 27.70 8.35
C LYS A 106 -2.78 26.53 9.32
N LEU A 107 -3.96 26.16 9.86
CA LEU A 107 -4.04 24.99 10.74
C LEU A 107 -3.89 23.69 9.95
N ALA A 108 -4.55 23.59 8.78
CA ALA A 108 -4.39 22.40 7.96
C ALA A 108 -2.93 22.24 7.56
N ALA A 109 -2.27 23.35 7.21
CA ALA A 109 -0.87 23.26 6.83
C ALA A 109 0.01 22.93 8.03
N GLY A 110 -0.19 23.64 9.16
CA GLY A 110 0.59 23.35 10.34
C GLY A 110 0.35 21.93 10.85
N ALA A 111 -0.91 21.47 10.78
CA ALA A 111 -1.20 20.09 11.14
C ALA A 111 -0.33 19.14 10.34
N THR A 112 -0.19 19.41 9.04
CA THR A 112 0.63 18.56 8.19
C THR A 112 2.09 18.58 8.63
N LEU A 113 2.63 19.78 8.89
CA LEU A 113 4.02 19.86 9.35
C LEU A 113 4.20 19.19 10.69
N GLN A 114 3.21 19.26 11.59
CA GLN A 114 3.28 18.48 12.83
C GLN A 114 3.45 16.99 12.54
N LEU A 115 2.73 16.47 11.52
CA LEU A 115 2.80 15.05 11.26
C LEU A 115 4.16 14.66 10.66
N VAL A 116 4.73 15.53 9.83
CA VAL A 116 6.07 15.29 9.28
C VAL A 116 7.09 15.23 10.42
N ASP A 117 7.06 16.21 11.31
CA ASP A 117 8.00 16.25 12.44
C ASP A 117 7.89 14.98 13.30
N SER A 118 6.68 14.59 13.67
CA SER A 118 6.54 13.41 14.53
C SER A 118 7.08 12.16 13.84
N VAL A 119 6.87 12.04 12.53
CA VAL A 119 7.36 10.88 11.80
C VAL A 119 8.87 10.95 11.63
N MET A 120 9.38 12.11 11.21
CA MET A 120 10.81 12.25 10.95
C MET A 120 11.65 12.27 12.25
N LYS A 121 11.06 12.60 13.39
CA LYS A 121 11.77 12.50 14.66
C LYS A 121 11.61 11.12 15.30
N ARG A 122 10.98 10.17 14.60
CA ARG A 122 10.76 8.82 15.08
C ARG A 122 9.94 8.78 16.37
N GLU A 123 9.15 9.82 16.65
CA GLU A 123 8.24 9.78 17.79
C GLU A 123 7.02 8.92 17.51
N VAL A 124 6.69 8.70 16.23
CA VAL A 124 5.70 7.72 15.78
C VAL A 124 6.25 7.04 14.53
N ARG A 125 5.69 5.87 14.23
CA ARG A 125 6.01 5.19 12.98
C ARG A 125 5.49 5.96 11.78
N ASN A 126 4.24 6.40 11.85
CA ASN A 126 3.51 6.92 10.71
C ASN A 126 2.36 7.72 11.29
N GLY A 127 1.46 8.21 10.44
CA GLY A 127 0.30 8.89 10.97
C GLY A 127 -0.59 9.47 9.91
N MET A 128 -1.68 10.08 10.37
CA MET A 128 -2.68 10.68 9.52
C MET A 128 -3.11 12.03 10.08
N ALA A 129 -3.22 13.03 9.20
CA ALA A 129 -3.81 14.32 9.53
C ALA A 129 -5.18 14.44 8.88
N LEU A 130 -6.21 14.62 9.71
CA LEU A 130 -7.56 14.94 9.25
C LEU A 130 -7.68 16.45 9.21
N VAL A 131 -7.67 17.03 8.01
CA VAL A 131 -7.59 18.48 7.84
C VAL A 131 -8.63 18.94 6.84
N ARG A 132 -9.05 20.20 7.00
CA ARG A 132 -9.73 21.04 6.03
C ARG A 132 -9.08 22.41 6.14
N PRO A 133 -8.96 23.15 5.04
CA PRO A 133 -9.26 22.80 3.65
C PRO A 133 -8.26 21.80 3.09
N PRO A 134 -8.64 21.09 2.03
CA PRO A 134 -7.66 20.30 1.30
C PRO A 134 -6.62 21.19 0.66
N GLY A 135 -5.58 20.57 0.13
CA GLY A 135 -4.48 21.34 -0.43
C GLY A 135 -4.04 21.07 -1.86
N HIS A 136 -4.29 19.88 -2.43
CA HIS A 136 -3.46 19.42 -3.58
C HIS A 136 -3.73 20.20 -4.87
N HIS A 137 -4.83 20.93 -4.99
CA HIS A 137 -5.09 21.76 -6.16
C HIS A 137 -4.47 23.14 -6.04
N SER A 138 -4.12 23.55 -4.82
CA SER A 138 -3.68 24.91 -4.57
C SER A 138 -2.31 25.16 -5.21
N GLN A 139 -2.12 26.38 -5.70
CA GLN A 139 -0.94 26.68 -6.51
C GLN A 139 -0.19 27.88 -5.91
N ARG A 140 1.05 28.07 -6.38
N ARG A 140 1.05 28.07 -6.35
CA ARG A 140 1.94 29.09 -5.85
CA ARG A 140 1.94 29.10 -5.83
C ARG A 140 1.23 30.43 -5.65
C ARG A 140 1.20 30.42 -5.63
N SER A 141 0.37 30.81 -6.59
CA SER A 141 -0.34 32.08 -6.51
C SER A 141 -1.84 31.92 -6.70
N ALA A 142 -2.41 30.75 -6.39
CA ALA A 142 -3.85 30.62 -6.57
C ALA A 142 -4.45 29.57 -5.66
N ALA A 143 -5.65 29.88 -5.17
CA ALA A 143 -6.56 28.89 -4.61
C ALA A 143 -7.33 28.20 -5.73
N ASN A 144 -7.65 26.92 -5.52
CA ASN A 144 -8.25 26.14 -6.58
C ASN A 144 -8.88 24.89 -5.97
N GLY A 145 -10.04 24.49 -6.46
CA GLY A 145 -10.60 23.20 -6.10
C GLY A 145 -10.73 22.93 -4.61
N PHE A 146 -11.33 23.89 -3.87
CA PHE A 146 -11.52 23.87 -2.41
C PHE A 146 -10.22 24.11 -1.66
N CYS A 147 -9.08 24.17 -2.37
CA CYS A 147 -7.77 24.28 -1.75
C CYS A 147 -7.28 25.71 -1.68
N VAL A 148 -6.74 26.09 -0.52
CA VAL A 148 -6.17 27.42 -0.30
C VAL A 148 -4.65 27.39 -0.34
N PHE A 149 -4.03 26.47 0.41
CA PHE A 149 -2.58 26.31 0.49
C PHE A 149 -2.32 24.83 0.32
N ASN A 150 -1.11 24.49 -0.10
CA ASN A 150 -0.87 23.14 -0.55
C ASN A 150 -0.18 22.36 0.55
N ASN A 151 -1.01 21.77 1.42
CA ASN A 151 -0.51 21.10 2.61
C ASN A 151 0.54 20.06 2.28
N VAL A 152 0.26 19.22 1.29
CA VAL A 152 1.20 18.13 1.01
C VAL A 152 2.45 18.66 0.33
N ALA A 153 2.30 19.70 -0.51
CA ALA A 153 3.49 20.35 -1.05
C ALA A 153 4.38 20.90 0.06
N PHE A 154 3.78 21.56 1.08
CA PHE A 154 4.53 22.01 2.27
C PHE A 154 5.29 20.87 2.92
N ALA A 155 4.59 19.77 3.21
CA ALA A 155 5.22 18.64 3.88
C ALA A 155 6.50 18.21 3.17
N ALA A 156 6.47 18.15 1.84
CA ALA A 156 7.64 17.69 1.08
C ALA A 156 8.77 18.72 1.14
N LEU A 157 8.45 19.99 0.91
CA LEU A 157 9.44 21.06 0.99
C LEU A 157 10.02 21.18 2.40
N TYR A 158 9.14 21.19 3.40
CA TYR A 158 9.58 21.26 4.80
C TYR A 158 10.49 20.10 5.14
N ALA A 159 10.11 18.87 4.73
CA ALA A 159 10.95 17.71 5.00
C ALA A 159 12.28 17.78 4.25
N LYS A 160 12.30 18.38 3.05
CA LYS A 160 13.56 18.58 2.35
C LYS A 160 14.44 19.55 3.14
N LYS A 161 13.86 20.67 3.58
CA LYS A 161 14.62 21.75 4.18
C LYS A 161 15.15 21.36 5.56
N ASN A 162 14.29 20.81 6.40
CA ASN A 162 14.63 20.61 7.82
C ASN A 162 15.12 19.21 8.13
N TYR A 163 15.12 18.30 7.16
CA TYR A 163 15.69 16.99 7.40
C TYR A 163 16.66 16.56 6.30
N ASN A 164 16.88 17.41 5.31
CA ASN A 164 17.84 17.17 4.23
C ASN A 164 17.55 15.86 3.49
N LEU A 165 16.27 15.61 3.23
CA LEU A 165 15.88 14.44 2.46
C LEU A 165 16.13 14.70 0.98
N ASN A 166 16.58 13.66 0.29
CA ASN A 166 16.83 13.72 -1.15
C ASN A 166 15.78 13.01 -1.99
N ARG A 167 14.88 12.24 -1.39
CA ARG A 167 13.95 11.42 -2.16
C ARG A 167 12.67 11.32 -1.35
N ILE A 168 11.62 11.99 -1.81
CA ILE A 168 10.30 11.95 -1.20
C ILE A 168 9.29 11.50 -2.24
N LEU A 169 8.51 10.47 -1.92
CA LEU A 169 7.40 10.03 -2.75
C LEU A 169 6.09 10.64 -2.25
N ILE A 170 5.31 11.20 -3.17
CA ILE A 170 3.96 11.68 -2.91
C ILE A 170 3.01 10.82 -3.74
N VAL A 171 2.10 10.14 -3.07
CA VAL A 171 1.05 9.35 -3.70
C VAL A 171 -0.26 10.10 -3.53
N ASP A 172 -0.89 10.47 -4.64
CA ASP A 172 -2.16 11.21 -4.59
C ASP A 172 -3.24 10.29 -5.16
N TRP A 173 -3.94 9.60 -4.26
CA TRP A 173 -4.99 8.66 -4.66
C TRP A 173 -6.35 9.28 -4.60
N ASP A 174 -6.44 10.60 -4.37
CA ASP A 174 -7.65 11.37 -4.61
C ASP A 174 -8.10 11.15 -6.05
N VAL A 175 -9.41 11.32 -6.31
CA VAL A 175 -9.92 11.07 -7.65
C VAL A 175 -9.63 12.22 -8.60
N HIS A 176 -9.27 13.39 -8.07
CA HIS A 176 -8.90 14.55 -8.85
C HIS A 176 -7.40 14.66 -8.96
N HIS A 177 -6.93 15.28 -10.06
CA HIS A 177 -5.51 15.51 -10.27
C HIS A 177 -5.01 16.65 -9.39
N GLY A 178 -3.95 16.39 -8.61
CA GLY A 178 -3.32 17.44 -7.83
C GLY A 178 -2.34 18.28 -8.64
N GLN A 179 -2.88 19.10 -9.55
CA GLN A 179 -2.02 19.88 -10.41
C GLN A 179 -1.13 20.83 -9.62
N GLY A 180 -1.62 21.33 -8.48
CA GLY A 180 -0.78 22.18 -7.65
C GLY A 180 0.50 21.49 -7.22
N ILE A 181 0.39 20.21 -6.83
CA ILE A 181 1.58 19.44 -6.48
C ILE A 181 2.45 19.20 -7.72
N GLN A 182 1.82 18.87 -8.85
CA GLN A 182 2.59 18.66 -10.08
C GLN A 182 3.43 19.89 -10.40
N TYR A 183 2.79 21.06 -10.42
CA TYR A 183 3.49 22.28 -10.80
C TYR A 183 4.66 22.56 -9.86
N CYS A 184 4.47 22.31 -8.56
CA CYS A 184 5.46 22.70 -7.57
C CYS A 184 6.73 21.87 -7.70
N PHE A 185 6.62 20.60 -8.08
CA PHE A 185 7.80 19.73 -8.20
C PHE A 185 8.11 19.29 -9.63
N GLU A 186 7.50 19.94 -10.64
CA GLU A 186 7.70 19.55 -12.03
C GLU A 186 9.17 19.34 -12.38
N GLU A 187 10.02 20.30 -12.04
CA GLU A 187 11.44 20.20 -12.36
C GLU A 187 12.27 19.60 -11.22
N ASP A 188 11.64 19.02 -10.20
CA ASP A 188 12.36 18.55 -9.02
C ASP A 188 12.47 17.03 -9.00
N PRO A 189 13.66 16.47 -9.15
CA PRO A 189 13.80 15.01 -9.09
C PRO A 189 13.90 14.45 -7.67
N SER A 190 13.93 15.29 -6.64
CA SER A 190 13.94 14.72 -5.30
C SER A 190 12.53 14.41 -4.81
N VAL A 191 11.49 14.86 -5.50
CA VAL A 191 10.11 14.57 -5.13
C VAL A 191 9.47 13.85 -6.31
N LEU A 192 9.07 12.62 -6.09
CA LEU A 192 8.38 11.82 -7.11
C LEU A 192 6.88 11.91 -6.82
N TYR A 193 6.12 12.47 -7.76
CA TYR A 193 4.69 12.63 -7.62
C TYR A 193 3.96 11.60 -8.50
N PHE A 194 3.16 10.75 -7.88
CA PHE A 194 2.25 9.85 -8.59
C PHE A 194 0.81 10.31 -8.33
N SER A 195 0.03 10.44 -9.40
CA SER A 195 -1.40 10.72 -9.29
C SER A 195 -2.19 9.82 -10.23
N TRP A 196 -3.25 9.19 -9.73
CA TRP A 196 -4.30 8.69 -10.62
C TRP A 196 -5.50 9.62 -10.49
N HIS A 197 -6.30 9.72 -11.56
CA HIS A 197 -7.39 10.68 -11.49
C HIS A 197 -8.41 10.44 -12.58
N ARG A 198 -9.66 10.72 -12.25
CA ARG A 198 -10.69 10.81 -13.27
C ARG A 198 -10.31 11.91 -14.25
N TYR A 199 -10.25 11.55 -15.55
CA TYR A 199 -9.81 12.45 -16.62
C TYR A 199 -10.84 12.49 -17.75
N GLU A 200 -11.34 11.33 -18.14
CA GLU A 200 -12.29 11.16 -19.25
C GLU A 200 -11.86 11.99 -20.46
N HIS A 201 -10.64 11.70 -20.93
CA HIS A 201 -10.10 12.36 -22.13
C HIS A 201 -10.18 13.88 -22.00
N GLN A 202 -9.92 14.36 -20.78
CA GLN A 202 -9.80 15.77 -20.41
C GLN A 202 -11.15 16.44 -20.25
N SER A 203 -12.25 15.71 -20.39
CA SER A 203 -13.55 16.35 -20.13
C SER A 203 -13.82 16.52 -18.64
N PHE A 204 -13.08 15.88 -17.75
CA PHE A 204 -13.38 16.02 -16.34
C PHE A 204 -12.45 17.03 -15.66
N TRP A 205 -13.06 17.86 -14.83
CA TRP A 205 -12.36 18.89 -14.08
C TRP A 205 -11.11 18.31 -13.42
N PRO A 206 -9.97 19.02 -13.46
CA PRO A 206 -9.81 20.40 -13.95
C PRO A 206 -9.52 20.58 -15.47
N ASN A 207 -9.81 19.58 -16.31
CA ASN A 207 -9.76 19.74 -17.79
C ASN A 207 -8.38 20.21 -18.27
N LEU A 208 -7.33 19.54 -17.85
CA LEU A 208 -5.98 20.01 -18.10
C LEU A 208 -5.22 19.06 -19.01
N PRO A 209 -4.63 19.57 -20.10
CA PRO A 209 -3.79 18.70 -20.93
C PRO A 209 -2.64 18.08 -20.16
N GLU A 210 -2.02 18.83 -19.24
CA GLU A 210 -0.86 18.34 -18.49
C GLU A 210 -1.23 17.34 -17.39
N SER A 211 -2.51 17.00 -17.22
CA SER A 211 -2.88 15.88 -16.37
C SER A 211 -2.81 14.55 -17.10
N ASP A 212 -2.43 14.55 -18.37
CA ASP A 212 -2.42 13.30 -19.12
C ASP A 212 -1.16 12.51 -18.78
N TYR A 213 -1.15 11.25 -19.22
CA TYR A 213 -0.02 10.36 -18.96
C TYR A 213 1.29 10.86 -19.57
N SER A 214 1.22 11.77 -20.54
CA SER A 214 2.43 12.24 -21.21
C SER A 214 3.21 13.27 -20.39
N SER A 215 2.64 13.82 -19.33
CA SER A 215 3.35 14.76 -18.45
C SER A 215 4.21 13.96 -17.47
N VAL A 216 5.51 13.91 -17.73
CA VAL A 216 6.45 13.10 -16.98
C VAL A 216 7.39 13.95 -16.17
N GLY A 217 7.16 15.26 -16.12
CA GLY A 217 8.08 16.20 -15.51
C GLY A 217 8.85 16.97 -16.56
N LYS A 218 9.63 17.96 -16.09
CA LYS A 218 10.44 18.78 -17.00
C LYS A 218 11.88 18.87 -16.51
N GLY A 219 12.80 18.99 -17.48
CA GLY A 219 14.21 19.20 -17.19
C GLY A 219 14.79 18.07 -16.37
N LYS A 220 15.50 18.43 -15.30
CA LYS A 220 16.01 17.42 -14.39
C LYS A 220 14.89 16.62 -13.70
N GLY A 221 13.64 17.07 -13.79
CA GLY A 221 12.57 16.32 -13.14
C GLY A 221 11.88 15.32 -14.02
N SER A 222 12.49 14.97 -15.16
CA SER A 222 11.83 14.15 -16.16
C SER A 222 11.78 12.70 -15.70
N GLY A 223 10.58 12.14 -15.62
CA GLY A 223 10.39 10.83 -15.03
C GLY A 223 9.92 10.84 -13.59
N PHE A 224 9.87 12.00 -12.93
CA PHE A 224 9.49 12.04 -11.53
C PHE A 224 8.09 12.58 -11.32
N ASN A 225 7.33 12.67 -12.41
CA ASN A 225 5.91 12.95 -12.37
C ASN A 225 5.20 11.86 -13.16
N ILE A 226 4.26 11.16 -12.52
CA ILE A 226 3.57 10.03 -13.13
C ILE A 226 2.06 10.26 -13.01
N ASN A 227 1.42 10.62 -14.11
CA ASN A 227 -0.03 10.77 -14.19
C ASN A 227 -0.65 9.51 -14.76
N LEU A 228 -1.64 8.97 -14.06
CA LEU A 228 -2.42 7.82 -14.54
C LEU A 228 -3.86 8.29 -14.70
N PRO A 229 -4.25 8.71 -15.91
CA PRO A 229 -5.61 9.21 -16.12
C PRO A 229 -6.62 8.07 -16.22
N TRP A 230 -7.75 8.20 -15.49
CA TRP A 230 -8.87 7.28 -15.64
C TRP A 230 -9.83 7.87 -16.67
N ASN A 231 -10.02 7.17 -17.79
CA ASN A 231 -10.79 7.75 -18.88
C ASN A 231 -12.22 7.26 -18.94
N LYS A 232 -12.61 6.37 -18.05
CA LYS A 232 -13.99 5.98 -17.83
C LYS A 232 -14.22 6.01 -16.33
N VAL A 233 -15.48 6.16 -15.90
CA VAL A 233 -15.76 6.05 -14.48
C VAL A 233 -16.03 4.59 -14.16
N GLY A 234 -16.38 4.29 -12.91
CA GLY A 234 -16.65 2.93 -12.51
C GLY A 234 -15.44 2.07 -12.23
N MET A 235 -14.25 2.66 -12.08
CA MET A 235 -13.08 1.84 -11.79
C MET A 235 -13.23 1.10 -10.46
N THR A 236 -12.74 -0.13 -10.43
CA THR A 236 -12.98 -1.06 -9.35
C THR A 236 -11.69 -1.34 -8.57
N ASN A 237 -11.79 -2.21 -7.57
CA ASN A 237 -10.59 -2.61 -6.83
C ASN A 237 -9.53 -3.12 -7.79
N SER A 238 -9.93 -3.93 -8.78
CA SER A 238 -8.96 -4.52 -9.71
C SER A 238 -8.19 -3.47 -10.49
N ASP A 239 -8.86 -2.39 -10.89
CA ASP A 239 -8.17 -1.30 -11.56
C ASP A 239 -7.14 -0.65 -10.65
N TYR A 240 -7.56 -0.27 -9.43
CA TYR A 240 -6.66 0.36 -8.48
C TYR A 240 -5.44 -0.53 -8.20
N LEU A 241 -5.66 -1.83 -8.00
CA LEU A 241 -4.50 -2.68 -7.68
C LEU A 241 -3.63 -2.90 -8.91
N ALA A 242 -4.23 -2.96 -10.10
CA ALA A 242 -3.45 -2.98 -11.33
C ALA A 242 -2.56 -1.75 -11.42
N ALA A 243 -3.12 -0.58 -11.10
CA ALA A 243 -2.33 0.63 -11.12
C ALA A 243 -1.14 0.54 -10.18
N PHE A 244 -1.37 0.03 -8.96
CA PHE A 244 -0.27 -0.11 -8.01
C PHE A 244 0.75 -1.15 -8.49
N PHE A 245 0.29 -2.34 -8.87
CA PHE A 245 1.27 -3.40 -9.14
C PHE A 245 2.11 -3.11 -10.38
N HIS A 246 1.55 -2.44 -11.39
CA HIS A 246 2.21 -2.32 -12.67
C HIS A 246 2.64 -0.91 -13.01
N VAL A 247 2.32 0.08 -12.16
CA VAL A 247 2.85 1.43 -12.36
C VAL A 247 3.54 1.92 -11.09
N LEU A 248 2.78 2.14 -10.01
CA LEU A 248 3.29 2.91 -8.88
C LEU A 248 4.37 2.15 -8.11
N LEU A 249 4.05 0.95 -7.63
CA LEU A 249 5.01 0.22 -6.79
C LEU A 249 6.33 -0.08 -7.48
N PRO A 250 6.37 -0.50 -8.75
CA PRO A 250 7.69 -0.71 -9.38
C PRO A 250 8.57 0.52 -9.37
N VAL A 251 7.99 1.69 -9.64
CA VAL A 251 8.75 2.93 -9.53
C VAL A 251 9.07 3.24 -8.07
N ALA A 252 8.09 3.05 -7.17
CA ALA A 252 8.29 3.42 -5.77
C ALA A 252 9.45 2.64 -5.13
N TYR A 253 9.50 1.33 -5.33
CA TYR A 253 10.58 0.56 -4.70
C TYR A 253 11.92 0.83 -5.36
N GLU A 254 11.93 1.18 -6.65
CA GLU A 254 13.21 1.52 -7.28
C GLU A 254 13.68 2.90 -6.89
N PHE A 255 12.76 3.86 -6.83
CA PHE A 255 13.05 5.19 -6.31
C PHE A 255 13.66 5.13 -4.92
N ASP A 256 13.13 4.28 -4.05
CA ASP A 256 13.57 4.09 -2.66
C ASP A 256 13.45 5.40 -1.89
N PRO A 257 12.24 5.89 -1.66
CA PRO A 257 12.08 7.18 -1.00
C PRO A 257 12.48 7.10 0.47
N GLU A 258 12.86 8.26 1.00
CA GLU A 258 13.17 8.36 2.43
C GLU A 258 11.96 8.78 3.25
N LEU A 259 10.91 9.29 2.61
CA LEU A 259 9.64 9.61 3.25
C LEU A 259 8.52 9.43 2.22
N VAL A 260 7.36 8.96 2.67
CA VAL A 260 6.17 8.80 1.83
C VAL A 260 5.08 9.69 2.40
N ILE A 261 4.47 10.52 1.55
CA ILE A 261 3.34 11.37 1.92
C ILE A 261 2.19 11.05 0.99
N VAL A 262 1.06 10.66 1.56
CA VAL A 262 -0.14 10.36 0.78
C VAL A 262 -1.07 11.58 0.82
N SER A 263 -1.42 12.07 -0.37
CA SER A 263 -2.61 12.90 -0.57
C SER A 263 -3.79 11.95 -0.63
N ALA A 264 -4.48 11.82 0.50
CA ALA A 264 -5.49 10.79 0.72
C ALA A 264 -6.84 11.44 0.53
N GLY A 265 -7.30 11.45 -0.72
CA GLY A 265 -8.67 11.79 -1.02
C GLY A 265 -9.44 10.49 -1.18
N PHE A 266 -10.60 10.44 -0.54
CA PHE A 266 -11.46 9.28 -0.64
C PHE A 266 -12.65 9.54 -1.56
N ASP A 267 -12.58 10.60 -2.36
CA ASP A 267 -13.56 10.68 -3.43
C ASP A 267 -13.28 9.65 -4.52
N SER A 268 -12.32 8.78 -4.32
CA SER A 268 -12.01 7.72 -5.27
C SER A 268 -12.66 6.40 -4.86
N ALA A 269 -13.46 6.41 -3.79
CA ALA A 269 -14.13 5.23 -3.28
C ALA A 269 -15.56 5.18 -3.80
N ILE A 270 -16.14 3.98 -3.80
CA ILE A 270 -17.52 3.82 -4.25
C ILE A 270 -18.43 4.77 -3.48
N GLY A 271 -19.47 5.26 -4.17
CA GLY A 271 -20.47 6.12 -3.58
C GLY A 271 -20.19 7.61 -3.65
N ASP A 272 -19.00 8.01 -4.07
CA ASP A 272 -18.69 9.43 -4.04
C ASP A 272 -19.27 10.14 -5.26
N PRO A 273 -20.01 11.23 -5.09
CA PRO A 273 -20.67 11.88 -6.23
C PRO A 273 -19.69 12.53 -7.19
N GLU A 274 -18.47 12.83 -6.76
CA GLU A 274 -17.47 13.47 -7.60
C GLU A 274 -16.69 12.46 -8.41
N GLY A 275 -16.36 11.31 -7.81
CA GLY A 275 -15.47 10.37 -8.44
C GLY A 275 -16.19 9.35 -9.30
N GLU A 276 -17.34 8.88 -8.81
CA GLU A 276 -18.17 7.89 -9.49
C GLU A 276 -17.41 6.60 -9.75
N MET A 277 -16.42 6.30 -8.92
CA MET A 277 -15.75 5.03 -9.01
C MET A 277 -16.45 3.99 -8.11
N CYS A 278 -15.96 2.75 -8.20
CA CYS A 278 -16.58 1.61 -7.53
C CYS A 278 -15.63 0.87 -6.61
N ALA A 279 -14.49 1.44 -6.26
CA ALA A 279 -13.61 0.77 -5.32
C ALA A 279 -14.19 0.82 -3.90
N LEU A 280 -14.13 -0.31 -3.22
CA LEU A 280 -14.68 -0.41 -1.87
C LEU A 280 -13.73 0.21 -0.84
N PRO A 281 -14.27 0.73 0.27
CA PRO A 281 -13.39 1.28 1.32
C PRO A 281 -12.27 0.37 1.73
N GLU A 282 -12.47 -0.95 1.67
CA GLU A 282 -11.42 -1.87 2.07
C GLU A 282 -10.16 -1.74 1.21
N ILE A 283 -10.27 -1.21 -0.01
CA ILE A 283 -9.09 -1.16 -0.88
C ILE A 283 -8.05 -0.25 -0.27
N PHE A 284 -8.50 0.75 0.49
CA PHE A 284 -7.57 1.71 1.06
C PHE A 284 -6.72 1.06 2.15
N ALA A 285 -7.25 0.04 2.81
CA ALA A 285 -6.43 -0.75 3.71
C ALA A 285 -5.23 -1.30 2.99
N HIS A 286 -5.40 -1.69 1.72
CA HIS A 286 -4.29 -2.30 0.99
C HIS A 286 -3.40 -1.28 0.31
N LEU A 287 -3.98 -0.23 -0.28
CA LEU A 287 -3.15 0.86 -0.79
C LEU A 287 -2.17 1.34 0.27
N THR A 288 -2.65 1.46 1.52
CA THR A 288 -1.80 1.83 2.65
C THR A 288 -0.74 0.76 2.91
N HIS A 289 -1.16 -0.48 3.10
CA HIS A 289 -0.25 -1.58 3.39
C HIS A 289 0.82 -1.75 2.31
N LEU A 290 0.42 -1.63 1.03
CA LEU A 290 1.38 -1.83 -0.05
C LEU A 290 2.53 -0.82 0.01
N LEU A 291 2.29 0.37 0.54
CA LEU A 291 3.35 1.39 0.62
C LEU A 291 4.14 1.38 1.93
N MET A 292 3.66 0.70 2.96
CA MET A 292 4.32 0.77 4.25
C MET A 292 5.73 0.16 4.29
N PRO A 293 6.08 -0.81 3.45
CA PRO A 293 7.49 -1.23 3.41
C PRO A 293 8.42 -0.20 2.82
N LEU A 294 7.95 0.97 2.40
CA LEU A 294 8.84 2.00 1.90
C LEU A 294 9.26 2.94 3.02
N ALA A 295 10.49 3.46 2.91
CA ALA A 295 11.02 4.47 3.83
C ALA A 295 10.88 4.04 5.29
N ALA A 296 11.21 2.78 5.55
CA ALA A 296 11.13 2.19 6.89
C ALA A 296 9.77 2.44 7.53
N GLY A 297 8.73 2.54 6.70
CA GLY A 297 7.38 2.74 7.16
C GLY A 297 7.00 4.17 7.44
N LYS A 298 7.87 5.13 7.13
CA LYS A 298 7.63 6.53 7.49
C LYS A 298 6.63 7.12 6.51
N MET A 299 5.35 7.04 6.85
CA MET A 299 4.26 7.45 5.99
C MET A 299 3.41 8.51 6.68
N CYS A 300 3.22 9.65 6.00
CA CYS A 300 2.34 10.72 6.43
C CYS A 300 1.13 10.80 5.50
N VAL A 301 -0.03 10.44 6.03
CA VAL A 301 -1.28 10.46 5.30
C VAL A 301 -2.00 11.76 5.59
N VAL A 302 -2.34 12.50 4.53
CA VAL A 302 -3.01 13.78 4.64
C VAL A 302 -4.33 13.71 3.89
N LEU A 303 -5.41 14.09 4.58
CA LEU A 303 -6.73 14.09 4.00
C LEU A 303 -6.85 15.16 2.93
N GLU A 304 -7.41 14.77 1.77
CA GLU A 304 -7.75 15.70 0.71
C GLU A 304 -9.26 15.72 0.58
N GLY A 305 -9.85 15.07 -0.44
CA GLY A 305 -11.27 15.06 -0.64
C GLY A 305 -11.94 13.79 -0.14
N GLY A 306 -13.20 13.62 -0.54
CA GLY A 306 -14.07 12.52 -0.13
C GLY A 306 -15.36 13.08 0.45
N TYR A 307 -16.48 12.89 -0.25
CA TYR A 307 -17.66 13.68 0.01
C TYR A 307 -18.92 12.89 0.33
N ASN A 308 -18.92 11.59 0.11
CA ASN A 308 -20.01 10.75 0.59
C ASN A 308 -19.70 10.46 2.05
N LEU A 309 -20.49 11.06 2.95
CA LEU A 309 -20.15 11.02 4.36
C LEU A 309 -20.08 9.60 4.91
N THR A 310 -20.64 8.61 4.21
CA THR A 310 -20.56 7.22 4.65
C THR A 310 -19.35 6.50 4.08
N SER A 311 -19.17 6.53 2.76
CA SER A 311 -17.93 6.02 2.20
C SER A 311 -16.72 6.65 2.87
N LEU A 312 -16.85 7.91 3.32
CA LEU A 312 -15.72 8.65 3.85
C LEU A 312 -15.23 8.04 5.16
N GLY A 313 -16.12 7.93 6.15
CA GLY A 313 -15.71 7.40 7.44
C GLY A 313 -15.15 6.00 7.33
N GLN A 314 -15.80 5.16 6.51
CA GLN A 314 -15.34 3.79 6.35
C GLN A 314 -13.92 3.75 5.79
N SER A 315 -13.61 4.64 4.82
CA SER A 315 -12.31 4.59 4.17
C SER A 315 -11.21 5.18 5.07
N VAL A 316 -11.54 6.22 5.84
CA VAL A 316 -10.60 6.71 6.84
C VAL A 316 -10.25 5.61 7.84
N CYS A 317 -11.25 4.82 8.25
CA CYS A 317 -11.01 3.74 9.21
C CYS A 317 -10.12 2.66 8.64
N GLN A 318 -10.34 2.30 7.37
CA GLN A 318 -9.50 1.27 6.75
C GLN A 318 -8.05 1.72 6.64
N THR A 319 -7.85 3.01 6.42
CA THR A 319 -6.48 3.53 6.30
C THR A 319 -5.77 3.51 7.65
N VAL A 320 -6.42 4.04 8.69
CA VAL A 320 -5.79 4.05 10.01
C VAL A 320 -5.61 2.63 10.53
N HIS A 321 -6.58 1.74 10.30
CA HIS A 321 -6.43 0.34 10.65
C HIS A 321 -5.09 -0.20 10.17
N SER A 322 -4.75 0.11 8.91
CA SER A 322 -3.52 -0.41 8.35
C SER A 322 -2.32 0.34 8.88
N LEU A 323 -2.45 1.63 9.14
CA LEU A 323 -1.37 2.38 9.78
C LEU A 323 -1.02 1.78 11.14
N LEU A 324 -2.03 1.42 11.92
CA LEU A 324 -1.85 0.75 13.21
C LEU A 324 -1.32 -0.67 13.07
N GLY A 325 -1.30 -1.22 11.85
CA GLY A 325 -0.82 -2.56 11.61
C GLY A 325 -1.83 -3.66 11.80
N ASP A 326 -3.12 -3.30 11.84
CA ASP A 326 -4.18 -4.31 11.94
C ASP A 326 -4.24 -5.16 10.69
N PRO A 327 -4.83 -6.36 10.77
CA PRO A 327 -4.83 -7.26 9.60
C PRO A 327 -5.71 -6.72 8.47
N THR A 328 -5.22 -6.88 7.24
CA THR A 328 -5.95 -6.34 6.09
C THR A 328 -7.16 -7.22 5.76
N PRO A 329 -8.27 -6.64 5.34
CA PRO A 329 -9.41 -7.46 4.94
C PRO A 329 -9.16 -8.12 3.59
N ARG A 330 -9.72 -9.31 3.43
CA ARG A 330 -9.58 -10.04 2.18
C ARG A 330 -10.40 -9.37 1.08
N ILE A 331 -9.77 -9.14 -0.07
CA ILE A 331 -10.44 -8.59 -1.25
C ILE A 331 -10.81 -9.76 -2.17
N SER A 332 -12.09 -10.01 -2.32
CA SER A 332 -12.58 -11.05 -3.22
C SER A 332 -13.01 -10.45 -4.56
N GLY A 333 -13.17 -11.34 -5.54
CA GLY A 333 -13.70 -10.89 -6.82
C GLY A 333 -12.75 -10.11 -7.69
N LEU A 334 -11.44 -10.26 -7.47
CA LEU A 334 -10.47 -9.51 -8.23
C LEU A 334 -10.16 -10.21 -9.54
N GLY A 335 -9.85 -9.41 -10.55
CA GLY A 335 -9.50 -9.95 -11.85
C GLY A 335 -8.87 -8.90 -12.74
N THR A 336 -9.13 -8.97 -14.04
CA THR A 336 -8.45 -8.07 -14.96
C THR A 336 -8.94 -6.65 -14.76
N ALA A 337 -8.04 -5.69 -14.97
CA ALA A 337 -8.48 -4.32 -15.07
C ALA A 337 -9.35 -4.19 -16.33
N CYS A 338 -10.24 -3.20 -16.33
CA CYS A 338 -11.04 -2.92 -17.52
C CYS A 338 -10.14 -2.38 -18.65
N ASP A 339 -10.69 -2.38 -19.88
CA ASP A 339 -9.87 -2.07 -21.05
C ASP A 339 -9.35 -0.65 -20.99
N SER A 340 -10.17 0.30 -20.56
CA SER A 340 -9.73 1.69 -20.48
C SER A 340 -8.57 1.82 -19.49
N ALA A 341 -8.68 1.12 -18.35
CA ALA A 341 -7.60 1.13 -17.36
C ALA A 341 -6.34 0.49 -17.90
N LEU A 342 -6.48 -0.63 -18.63
CA LEU A 342 -5.29 -1.24 -19.23
C LEU A 342 -4.68 -0.34 -20.29
N GLU A 343 -5.49 0.40 -21.02
CA GLU A 343 -4.96 1.38 -21.97
C GLU A 343 -4.17 2.47 -21.24
N SER A 344 -4.77 3.09 -20.23
CA SER A 344 -4.05 4.10 -19.43
C SER A 344 -2.77 3.52 -18.84
N ILE A 345 -2.84 2.33 -18.24
CA ILE A 345 -1.64 1.73 -17.66
C ILE A 345 -0.60 1.50 -18.74
N GLN A 346 -1.04 0.98 -19.90
CA GLN A 346 -0.17 0.74 -21.04
C GLN A 346 0.56 2.01 -21.45
N ASN A 347 -0.17 3.10 -21.54
CA ASN A 347 0.39 4.33 -22.07
C ASN A 347 1.41 4.93 -21.11
N VAL A 348 1.07 5.01 -19.80
CA VAL A 348 2.00 5.58 -18.82
CA VAL A 348 2.01 5.60 -18.86
C VAL A 348 3.25 4.72 -18.72
N ARG A 349 3.10 3.40 -18.80
CA ARG A 349 4.29 2.54 -18.75
C ARG A 349 5.21 2.82 -19.93
N ASN A 350 4.64 2.99 -21.13
CA ASN A 350 5.45 3.21 -22.33
C ASN A 350 6.17 4.56 -22.30
N VAL A 351 5.46 5.64 -21.96
CA VAL A 351 6.11 6.94 -21.91
CA VAL A 351 6.09 6.96 -21.87
C VAL A 351 7.13 7.01 -20.76
N GLN A 352 6.94 6.24 -19.70
CA GLN A 352 7.90 6.27 -18.60
C GLN A 352 9.03 5.28 -18.81
N SER A 353 8.95 4.45 -19.85
CA SER A 353 10.01 3.48 -20.15
C SER A 353 11.38 4.14 -20.30
N SER A 354 11.43 5.39 -20.75
CA SER A 354 12.72 6.10 -20.81
C SER A 354 13.38 6.26 -19.46
N TYR A 355 12.62 6.22 -18.37
CA TYR A 355 13.12 6.72 -17.09
C TYR A 355 13.17 5.68 -16.00
N TRP A 356 12.55 4.51 -16.15
CA TRP A 356 12.45 3.60 -15.02
C TRP A 356 12.82 2.18 -15.42
N SER A 357 13.43 1.48 -14.45
CA SER A 357 14.02 0.15 -14.66
C SER A 357 12.97 -0.87 -15.06
N SER A 358 11.85 -0.94 -14.32
CA SER A 358 10.85 -1.98 -14.54
C SER A 358 10.19 -1.88 -15.91
N PHE A 359 10.14 -0.68 -16.49
CA PHE A 359 9.50 -0.49 -17.78
C PHE A 359 10.51 -0.47 -18.93
N LYS A 360 11.81 -0.48 -18.61
CA LYS A 360 12.87 -0.25 -19.60
C LYS A 360 12.79 -1.25 -20.75
N HIS A 361 12.42 -2.51 -20.44
CA HIS A 361 12.26 -3.53 -21.48
C HIS A 361 11.16 -3.19 -22.47
N LEU A 362 10.16 -2.40 -22.06
CA LEU A 362 9.10 -2.03 -22.99
C LEU A 362 9.59 -1.04 -24.12
N ALA A 363 10.88 -0.70 -24.22
CA ALA A 363 11.36 0.33 -25.15
C ALA A 363 12.19 -0.23 -26.30
N GLN A 364 13.04 -1.22 -26.05
CA GLN A 364 13.82 -1.85 -27.11
C GLN A 364 13.10 -3.11 -27.57
N SER A 365 12.96 -3.28 -28.88
CA SER A 365 12.16 -4.38 -29.41
C SER A 365 12.92 -5.70 -29.50
N GLU A 366 14.14 -5.79 -28.95
CA GLU A 366 14.72 -7.07 -28.60
C GLU A 366 14.01 -7.70 -27.40
N THR A 367 13.26 -6.89 -26.65
CA THR A 367 12.47 -7.35 -25.51
C THR A 367 10.98 -7.01 -25.66
N ASN A 368 10.65 -5.74 -25.91
CA ASN A 368 9.27 -5.16 -26.05
C ASN A 368 8.58 -4.89 -24.73
N ILE A 400 -26.60 4.98 -3.69
CA ILE A 400 -25.80 3.80 -3.99
C ILE A 400 -25.30 3.17 -2.68
N VAL A 401 -25.50 1.86 -2.55
CA VAL A 401 -25.23 1.13 -1.32
C VAL A 401 -24.18 0.05 -1.59
N TRP A 402 -23.51 -0.36 -0.52
CA TRP A 402 -22.53 -1.44 -0.56
C TRP A 402 -22.47 -2.08 0.82
N PRO A 403 -21.90 -3.28 0.93
CA PRO A 403 -21.81 -3.92 2.25
C PRO A 403 -20.82 -3.20 3.16
N GLU A 404 -21.04 -3.36 4.46
CA GLU A 404 -20.17 -2.75 5.46
C GLU A 404 -18.85 -3.51 5.54
N PRO A 405 -17.73 -2.80 5.74
CA PRO A 405 -16.49 -3.49 6.11
C PRO A 405 -16.64 -4.23 7.43
N LEU A 406 -16.20 -5.50 7.43
CA LEU A 406 -16.20 -6.30 8.64
C LEU A 406 -15.10 -5.83 9.61
N LYS A 407 -15.20 -6.31 10.85
CA LYS A 407 -14.29 -5.87 11.90
C LYS A 407 -12.88 -6.41 11.68
N ARG A 408 -11.87 -5.54 11.83
CA ARG A 408 -10.46 -5.91 11.71
C ARG A 408 -9.83 -5.85 13.10
N MET A 409 -9.90 -6.95 13.84
CA MET A 409 -9.34 -6.91 15.19
C MET A 409 -7.87 -7.34 15.16
N PRO A 410 -6.98 -6.61 15.83
CA PRO A 410 -5.60 -7.11 16.00
C PRO A 410 -5.59 -8.37 16.86
N ALA A 411 -4.89 -9.39 16.38
CA ALA A 411 -4.84 -10.65 17.11
C ALA A 411 -4.16 -10.47 18.46
N SER A 412 -4.63 -11.24 19.46
CA SER A 412 -4.24 -11.01 20.85
C SER A 412 -2.72 -11.04 21.02
N VAL A 413 -2.07 -12.09 20.52
CA VAL A 413 -0.64 -12.10 20.23
C VAL A 413 -0.51 -12.26 18.73
N ARG A 414 0.17 -11.31 18.08
CA ARG A 414 0.25 -11.32 16.62
C ARG A 414 0.95 -12.58 16.12
N THR A 415 2.18 -12.81 16.59
CA THR A 415 3.06 -13.80 16.00
C THR A 415 3.49 -14.85 17.02
N VAL A 416 3.55 -16.09 16.59
CA VAL A 416 3.96 -17.21 17.41
C VAL A 416 5.19 -17.83 16.76
N VAL A 417 6.26 -17.99 17.53
CA VAL A 417 7.54 -18.49 17.03
C VAL A 417 7.85 -19.81 17.70
N VAL A 418 8.38 -20.75 16.94
CA VAL A 418 8.79 -22.04 17.49
C VAL A 418 10.21 -22.31 17.01
N PRO A 419 11.22 -21.81 17.73
CA PRO A 419 12.61 -22.08 17.35
C PRO A 419 13.01 -23.49 17.75
N PRO A 420 14.18 -23.96 17.35
CA PRO A 420 14.64 -25.29 17.83
C PRO A 420 14.53 -25.39 19.33
N PRO A 421 14.28 -26.60 19.86
CA PRO A 421 14.07 -26.76 21.31
C PRO A 421 15.36 -26.47 22.08
N GLY A 422 15.30 -25.45 22.94
CA GLY A 422 16.45 -24.99 23.69
C GLY A 422 16.97 -23.64 23.25
N VAL A 423 16.63 -23.19 22.05
CA VAL A 423 17.13 -21.93 21.51
C VAL A 423 16.23 -20.82 22.04
N GLU A 424 16.69 -20.09 23.05
CA GLU A 424 15.94 -18.97 23.60
C GLU A 424 16.27 -17.70 22.83
N LEU A 425 15.23 -16.93 22.49
CA LEU A 425 15.40 -15.72 21.70
C LEU A 425 14.58 -14.59 22.30
N THR A 426 15.04 -13.36 22.07
CA THR A 426 14.35 -12.16 22.54
C THR A 426 13.38 -11.71 21.45
N LEU A 427 12.09 -11.70 21.77
CA LEU A 427 11.04 -11.42 20.80
C LEU A 427 10.38 -10.07 21.08
N PRO A 428 9.84 -9.42 20.04
CA PRO A 428 9.06 -8.20 20.25
C PRO A 428 7.89 -8.47 21.19
N LYS A 429 7.27 -7.37 21.64
CA LYS A 429 6.26 -7.49 22.69
C LYS A 429 5.03 -8.26 22.23
N ASN A 430 4.81 -8.40 20.91
CA ASN A 430 3.64 -9.07 20.37
C ASN A 430 3.96 -10.45 19.79
N CYS A 431 5.06 -11.06 20.20
CA CYS A 431 5.42 -12.42 19.81
C CYS A 431 5.49 -13.31 21.05
N GLN A 432 5.48 -14.62 20.82
CA GLN A 432 5.36 -15.58 21.90
C GLN A 432 5.79 -16.95 21.40
N HIS A 433 6.29 -17.78 22.30
CA HIS A 433 6.59 -19.17 21.97
C HIS A 433 5.33 -20.02 22.01
N SER A 434 5.46 -21.25 21.52
CA SER A 434 4.37 -22.24 21.46
C SER A 434 3.37 -22.18 22.62
N ILE A 437 1.78 -27.67 23.56
CA ILE A 437 1.07 -28.70 22.79
C ILE A 437 -0.12 -29.23 23.61
N SER A 438 -1.19 -29.66 22.93
CA SER A 438 -2.41 -30.11 23.59
C SER A 438 -2.42 -31.63 23.68
N GLU A 439 -3.50 -32.16 24.27
CA GLU A 439 -3.76 -33.59 24.19
C GLU A 439 -4.36 -33.94 22.84
N SER A 440 -5.29 -33.10 22.35
CA SER A 440 -5.88 -33.32 21.03
C SER A 440 -4.83 -33.22 19.93
N THR A 441 -3.95 -32.20 20.01
CA THR A 441 -2.87 -32.10 19.03
C THR A 441 -1.98 -33.33 19.05
N ALA A 442 -1.78 -33.93 20.23
CA ALA A 442 -0.93 -35.11 20.33
C ALA A 442 -1.55 -36.31 19.62
N LYS A 443 -2.86 -36.55 19.82
CA LYS A 443 -3.53 -37.66 19.15
C LYS A 443 -3.57 -37.46 17.64
N GLU A 444 -3.75 -36.22 17.18
CA GLU A 444 -3.75 -35.94 15.75
C GLU A 444 -2.42 -36.33 15.12
N VAL A 445 -1.30 -35.98 15.77
CA VAL A 445 0.01 -36.37 15.24
C VAL A 445 0.16 -37.88 15.24
N GLN A 446 -0.33 -38.54 16.30
CA GLN A 446 -0.32 -40.00 16.31
C GLN A 446 -1.16 -40.54 15.15
N ARG A 447 -2.38 -40.03 14.99
CA ARG A 447 -3.23 -40.43 13.86
C ARG A 447 -2.53 -40.21 12.52
N ILE A 448 -1.97 -39.01 12.32
CA ILE A 448 -1.29 -38.71 11.06
C ILE A 448 -0.15 -39.68 10.83
N ARG A 449 0.57 -40.03 11.89
CA ARG A 449 1.77 -40.85 11.76
C ARG A 449 1.42 -42.28 11.36
N ASP A 450 0.42 -42.87 12.02
CA ASP A 450 0.06 -44.25 11.71
C ASP A 450 -0.54 -44.40 10.32
N LYS A 451 -1.12 -43.33 9.77
CA LYS A 451 -1.76 -43.40 8.46
C LYS A 451 -0.80 -43.10 7.31
N HIS A 452 0.05 -42.07 7.45
CA HIS A 452 0.79 -41.54 6.31
C HIS A 452 2.30 -41.59 6.45
N PHE A 453 2.85 -41.73 7.64
CA PHE A 453 4.30 -41.68 7.78
C PHE A 453 4.87 -42.81 8.63
N ASP A 455 8.51 -46.36 8.91
CA ASP A 455 7.71 -45.22 9.33
C ASP A 455 8.59 -44.21 10.08
N LEU A 456 7.97 -43.21 10.69
CA LEU A 456 8.68 -42.09 11.29
C LEU A 456 8.66 -42.19 12.82
N THR A 457 9.84 -42.12 13.43
CA THR A 457 9.99 -42.23 14.88
C THR A 457 10.68 -41.04 15.53
N ASP A 458 11.55 -40.33 14.81
CA ASP A 458 12.23 -39.13 15.31
C ASP A 458 11.27 -38.21 16.06
N GLN A 459 11.36 -38.18 17.38
CA GLN A 459 10.46 -37.35 18.19
C GLN A 459 10.75 -35.85 18.04
N ASN A 460 11.77 -35.45 17.27
CA ASN A 460 11.97 -34.04 16.99
C ASN A 460 11.10 -33.59 15.82
N ILE A 461 11.14 -34.35 14.72
CA ILE A 461 10.19 -34.15 13.62
C ILE A 461 8.76 -34.22 14.16
N LEU A 462 8.48 -35.24 14.98
CA LEU A 462 7.14 -35.39 15.54
C LEU A 462 6.75 -34.20 16.40
N ARG A 463 7.72 -33.47 16.94
CA ARG A 463 7.42 -32.28 17.73
C ARG A 463 7.11 -31.08 16.83
N SER A 464 7.86 -30.93 15.73
CA SER A 464 7.53 -29.87 14.78
C SER A 464 6.12 -30.05 14.23
N LEU A 465 5.75 -31.29 13.93
CA LEU A 465 4.38 -31.57 13.46
C LEU A 465 3.35 -31.19 14.51
N GLY A 466 3.64 -31.47 15.79
CA GLY A 466 2.72 -31.05 16.85
C GLY A 466 2.64 -29.55 16.99
N ASN A 467 3.74 -28.84 16.70
CA ASN A 467 3.74 -27.39 16.78
C ASN A 467 2.99 -26.78 15.60
N ILE A 468 3.25 -27.30 14.41
CA ILE A 468 2.56 -26.84 13.20
C ILE A 468 1.06 -26.90 13.40
N ILE A 469 0.56 -28.05 13.85
CA ILE A 469 -0.88 -28.18 14.07
C ILE A 469 -1.38 -27.15 15.06
N SER A 470 -0.67 -26.99 16.18
CA SER A 470 -1.19 -26.14 17.25
C SER A 470 -1.16 -24.67 16.85
N VAL A 471 -0.08 -24.21 16.21
CA VAL A 471 -0.05 -22.82 15.77
C VAL A 471 -1.14 -22.55 14.74
N LEU A 472 -1.32 -23.48 13.78
CA LEU A 472 -2.40 -23.34 12.79
C LEU A 472 -3.75 -23.27 13.47
N ASP A 473 -4.00 -24.15 14.46
CA ASP A 473 -5.27 -24.11 15.18
C ASP A 473 -5.48 -22.76 15.84
N ARG A 474 -4.42 -22.15 16.37
CA ARG A 474 -4.54 -20.85 17.01
C ARG A 474 -4.74 -19.76 15.96
N MET A 475 -4.10 -19.90 14.79
CA MET A 475 -4.27 -18.93 13.71
C MET A 475 -5.66 -19.01 13.12
N MET A 476 -6.10 -20.21 12.72
CA MET A 476 -7.27 -20.37 11.87
C MET A 476 -8.57 -20.34 12.66
N ARG A 477 -8.55 -20.74 13.92
CA ARG A 477 -9.78 -20.86 14.71
C ARG A 477 -9.92 -19.79 15.77
N SER A 478 -8.84 -19.41 16.44
CA SER A 478 -8.95 -18.58 17.63
C SER A 478 -9.24 -17.13 17.30
N ASP A 479 -8.67 -16.61 16.22
CA ASP A 479 -8.55 -15.17 15.97
C ASP A 479 -7.79 -14.45 17.08
N GLU A 480 -7.12 -15.20 17.96
CA GLU A 480 -6.23 -14.62 18.96
C GLU A 480 -4.79 -14.56 18.48
N VAL A 481 -4.38 -15.47 17.60
CA VAL A 481 -3.06 -15.42 16.98
C VAL A 481 -3.24 -15.21 15.48
N CYS A 482 -2.38 -14.36 14.90
CA CYS A 482 -2.47 -13.96 13.50
C CYS A 482 -1.63 -14.82 12.57
N ASN A 483 -0.34 -14.97 12.86
CA ASN A 483 0.57 -15.70 11.99
C ASN A 483 1.63 -16.37 12.86
N GLY A 484 2.60 -17.02 12.22
CA GLY A 484 3.59 -17.73 12.99
C GLY A 484 4.72 -18.24 12.14
N CYS A 485 5.78 -18.67 12.82
CA CYS A 485 6.95 -19.26 12.18
C CYS A 485 7.43 -20.46 12.99
N VAL A 486 7.71 -21.55 12.30
CA VAL A 486 8.14 -22.79 12.92
C VAL A 486 9.39 -23.26 12.18
N VAL A 487 10.49 -23.44 12.92
CA VAL A 487 11.69 -24.06 12.37
C VAL A 487 11.47 -25.56 12.33
N VAL A 488 11.89 -26.20 11.22
CA VAL A 488 11.60 -27.60 11.00
C VAL A 488 12.85 -28.29 10.48
N SER A 489 12.86 -29.62 10.61
CA SER A 489 13.98 -30.45 10.16
C SER A 489 13.71 -31.07 8.79
N ASP A 490 12.64 -31.85 8.67
CA ASP A 490 12.28 -32.43 7.38
C ASP A 490 11.17 -31.61 6.76
N LEU A 491 11.37 -31.27 5.47
CA LEU A 491 10.35 -30.51 4.77
C LEU A 491 9.18 -31.39 4.34
N SER A 492 9.48 -32.49 3.64
CA SER A 492 8.44 -33.27 2.97
C SER A 492 7.34 -33.72 3.93
N VAL A 493 7.64 -33.93 5.20
CA VAL A 493 6.62 -34.37 6.14
C VAL A 493 5.92 -33.18 6.80
N SER A 494 6.66 -32.11 7.08
CA SER A 494 6.06 -30.97 7.76
C SER A 494 5.25 -30.11 6.79
N VAL A 495 5.71 -29.99 5.54
CA VAL A 495 4.92 -29.32 4.51
C VAL A 495 3.60 -30.04 4.31
N GLN A 496 3.68 -31.30 3.88
CA GLN A 496 2.50 -32.13 3.69
C GLN A 496 1.57 -32.08 4.90
N CYS A 497 2.13 -32.05 6.10
CA CYS A 497 1.27 -32.00 7.28
C CYS A 497 0.65 -30.61 7.46
N ALA A 498 1.43 -29.55 7.20
CA ALA A 498 0.88 -28.19 7.34
C ALA A 498 -0.19 -27.92 6.29
N LEU A 499 0.08 -28.28 5.04
CA LEU A 499 -0.89 -28.03 3.98
C LEU A 499 -2.18 -28.81 4.21
N GLN A 500 -2.07 -30.13 4.40
CA GLN A 500 -3.26 -30.95 4.58
C GLN A 500 -4.07 -30.51 5.81
N HIS A 501 -3.39 -30.19 6.92
CA HIS A 501 -4.14 -29.77 8.10
C HIS A 501 -4.83 -28.44 7.86
N ALA A 502 -4.18 -27.53 7.13
CA ALA A 502 -4.79 -26.23 6.86
C ALA A 502 -6.06 -26.38 6.04
N LEU A 503 -6.08 -27.33 5.09
CA LEU A 503 -7.21 -27.46 4.18
C LEU A 503 -8.49 -27.92 4.88
N THR A 504 -8.37 -28.55 6.05
CA THR A 504 -9.52 -28.99 6.83
C THR A 504 -9.88 -28.04 7.96
N GLU A 505 -9.10 -26.96 8.15
CA GLU A 505 -9.36 -26.01 9.23
C GLU A 505 -10.78 -25.43 9.28
N PRO A 506 -11.47 -25.13 8.14
CA PRO A 506 -11.12 -25.22 6.72
C PRO A 506 -10.46 -23.95 6.17
N ALA A 507 -9.51 -24.16 5.25
CA ALA A 507 -8.95 -23.09 4.43
C ALA A 507 -9.32 -23.45 3.00
N GLU A 508 -10.31 -22.74 2.45
CA GLU A 508 -10.76 -23.05 1.09
C GLU A 508 -9.60 -22.97 0.10
N ARG A 509 -8.69 -22.02 0.29
CA ARG A 509 -7.56 -21.86 -0.61
C ARG A 509 -6.29 -21.58 0.19
N VAL A 510 -5.18 -22.14 -0.28
CA VAL A 510 -3.89 -21.96 0.37
C VAL A 510 -2.90 -21.52 -0.69
N LEU A 511 -2.31 -20.34 -0.50
CA LEU A 511 -1.18 -19.90 -1.30
C LEU A 511 0.09 -20.41 -0.66
N VAL A 512 0.91 -21.12 -1.43
CA VAL A 512 2.20 -21.62 -0.98
C VAL A 512 3.30 -20.86 -1.67
N VAL A 513 4.25 -20.34 -0.89
CA VAL A 513 5.42 -19.64 -1.39
C VAL A 513 6.65 -20.42 -0.94
N TYR A 514 7.42 -20.94 -1.88
CA TYR A 514 8.50 -21.86 -1.60
C TYR A 514 9.78 -21.34 -2.22
N VAL A 515 10.78 -21.08 -1.39
CA VAL A 515 12.12 -20.73 -1.85
C VAL A 515 12.97 -21.99 -1.68
N GLY A 516 13.30 -22.62 -2.79
CA GLY A 516 14.02 -23.88 -2.76
C GLY A 516 13.84 -24.61 -4.07
N ASP A 517 14.64 -25.67 -4.24
CA ASP A 517 14.59 -26.50 -5.43
C ASP A 517 13.95 -27.84 -5.12
N GLY A 518 13.77 -28.63 -6.16
CA GLY A 518 13.13 -29.91 -5.98
C GLY A 518 11.61 -29.79 -5.90
N GLU A 519 11.00 -30.89 -5.48
CA GLU A 519 9.55 -31.02 -5.46
C GLU A 519 9.05 -31.08 -4.03
N LEU A 520 7.85 -30.59 -3.85
CA LEU A 520 7.15 -30.60 -2.59
C LEU A 520 5.91 -31.48 -2.69
N PRO A 521 5.56 -32.19 -1.64
CA PRO A 521 4.25 -32.87 -1.63
C PRO A 521 3.08 -31.91 -1.70
N VAL A 522 2.94 -31.21 -2.83
CA VAL A 522 1.91 -30.19 -3.02
C VAL A 522 1.23 -30.41 -4.37
N LYS A 523 -0.03 -30.83 -4.34
CA LYS A 523 -0.84 -31.01 -5.54
C LYS A 523 -1.50 -29.68 -5.91
N THR A 524 -1.28 -29.20 -7.12
CA THR A 524 -1.89 -27.98 -7.60
C THR A 524 -2.93 -28.23 -8.69
N ASN A 525 -3.65 -29.35 -8.61
CA ASN A 525 -4.52 -29.75 -9.71
C ASN A 525 -5.96 -29.28 -9.55
N ASP A 526 -6.42 -28.96 -8.34
CA ASP A 526 -7.85 -28.79 -8.09
C ASP A 526 -8.26 -27.36 -7.75
N GLY A 527 -7.38 -26.38 -7.91
CA GLY A 527 -7.72 -25.00 -7.63
C GLY A 527 -7.74 -24.61 -6.16
N LYS A 528 -7.48 -25.52 -5.23
CA LYS A 528 -7.43 -25.14 -3.82
C LYS A 528 -6.08 -24.56 -3.44
N VAL A 529 -5.03 -24.80 -4.24
CA VAL A 529 -3.66 -24.50 -3.85
C VAL A 529 -2.97 -23.82 -5.03
N PHE A 530 -2.32 -22.67 -4.77
CA PHE A 530 -1.42 -22.05 -5.72
C PHE A 530 -0.01 -22.03 -5.15
N LEU A 531 0.95 -22.52 -5.92
CA LEU A 531 2.34 -22.65 -5.50
C LEU A 531 3.20 -21.66 -6.26
N VAL A 532 3.83 -20.73 -5.51
CA VAL A 532 4.91 -19.90 -6.02
C VAL A 532 6.22 -20.53 -5.60
N GLN A 533 7.10 -20.78 -6.56
CA GLN A 533 8.38 -21.41 -6.26
C GLN A 533 9.51 -20.56 -6.82
N ILE A 534 10.30 -19.97 -5.92
CA ILE A 534 11.54 -19.31 -6.29
C ILE A 534 12.65 -20.33 -6.16
N CYS A 535 13.32 -20.64 -7.28
CA CYS A 535 14.31 -21.69 -7.33
C CYS A 535 15.47 -21.25 -8.19
N THR A 536 16.44 -22.16 -8.38
CA THR A 536 17.68 -21.88 -9.09
C THR A 536 17.76 -22.54 -10.46
N LYS A 537 17.13 -23.70 -10.64
CA LYS A 537 17.18 -24.43 -11.90
C LYS A 537 15.86 -24.22 -12.63
N GLU A 538 15.93 -23.71 -13.87
CA GLU A 538 14.73 -23.47 -14.66
C GLU A 538 13.99 -24.76 -14.89
N THR A 539 12.74 -24.81 -14.44
CA THR A 539 11.91 -26.00 -14.56
C THR A 539 11.04 -25.91 -15.80
N GLU A 540 10.20 -26.92 -15.98
CA GLU A 540 9.18 -26.92 -17.03
C GLU A 540 7.94 -26.22 -16.49
N ASP A 541 7.42 -25.29 -17.28
CA ASP A 541 6.12 -24.70 -16.97
C ASP A 541 5.04 -25.77 -17.00
N LYS A 542 4.38 -25.98 -15.87
CA LYS A 542 3.43 -27.08 -15.78
C LYS A 542 2.01 -26.57 -15.99
N CYS A 543 1.23 -26.52 -14.91
CA CYS A 543 -0.13 -26.03 -14.97
C CYS A 543 -0.14 -24.51 -14.75
N VAL A 544 -1.35 -23.95 -14.78
CA VAL A 544 -1.55 -22.52 -14.57
C VAL A 544 -1.72 -22.18 -13.08
N ASN A 545 -1.59 -23.16 -12.20
CA ASN A 545 -1.63 -22.90 -10.77
C ASN A 545 -0.25 -22.91 -10.14
N ARG A 546 0.80 -22.90 -10.95
CA ARG A 546 2.17 -22.76 -10.50
C ARG A 546 2.76 -21.53 -11.14
N LEU A 547 3.59 -20.82 -10.38
CA LEU A 547 4.42 -19.74 -10.92
C LEU A 547 5.83 -20.04 -10.44
N THR A 548 6.72 -20.36 -11.36
CA THR A 548 8.08 -20.72 -11.00
C THR A 548 9.04 -19.66 -11.52
N LEU A 549 9.92 -19.19 -10.65
CA LEU A 549 10.82 -18.07 -10.93
C LEU A 549 12.24 -18.55 -10.67
N CYS A 550 12.94 -18.91 -11.74
CA CYS A 550 14.36 -19.25 -11.66
C CYS A 550 15.14 -17.97 -11.96
N LEU A 551 15.78 -17.42 -10.95
CA LEU A 551 16.50 -16.15 -11.10
C LEU A 551 18.00 -16.41 -11.18
N ARG A 552 18.64 -15.80 -12.18
CA ARG A 552 20.08 -15.90 -12.33
C ARG A 552 20.80 -15.27 -11.14
N GLU A 553 21.68 -16.05 -10.49
CA GLU A 553 22.40 -15.57 -9.33
C GLU A 553 23.31 -14.39 -9.70
N GLY A 554 23.59 -13.55 -8.70
CA GLY A 554 24.47 -12.42 -8.89
C GLY A 554 23.96 -11.19 -8.19
N GLU A 555 24.57 -10.05 -8.51
CA GLU A 555 24.12 -8.77 -7.99
C GLU A 555 22.74 -8.38 -8.48
N SER A 556 22.19 -9.11 -9.45
CA SER A 556 20.88 -8.83 -10.02
C SER A 556 19.74 -9.43 -9.20
N LEU A 557 20.02 -10.42 -8.35
CA LEU A 557 18.97 -11.24 -7.75
C LEU A 557 17.97 -10.42 -6.95
N THR A 558 18.42 -9.32 -6.35
CA THR A 558 17.50 -8.57 -5.48
C THR A 558 16.52 -7.73 -6.28
N ALA A 559 17.01 -6.96 -7.25
CA ALA A 559 16.10 -6.18 -8.09
C ALA A 559 15.24 -7.10 -8.97
N GLY A 560 15.79 -8.23 -9.40
CA GLY A 560 14.98 -9.19 -10.14
C GLY A 560 13.84 -9.71 -9.29
N PHE A 561 14.14 -10.07 -8.05
CA PHE A 561 13.12 -10.60 -7.15
C PHE A 561 12.02 -9.58 -6.89
N MET A 562 12.39 -8.31 -6.69
CA MET A 562 11.36 -7.32 -6.35
C MET A 562 10.45 -7.03 -7.54
N GLN A 563 10.97 -7.11 -8.76
CA GLN A 563 10.10 -6.98 -9.93
C GLN A 563 9.10 -8.13 -9.99
N ALA A 564 9.57 -9.37 -9.81
CA ALA A 564 8.68 -10.51 -9.79
C ALA A 564 7.65 -10.39 -8.68
N LEU A 565 8.06 -9.91 -7.51
CA LEU A 565 7.14 -9.80 -6.39
C LEU A 565 5.99 -8.84 -6.73
N LEU A 566 6.32 -7.62 -7.15
CA LEU A 566 5.30 -6.60 -7.40
C LEU A 566 4.48 -6.94 -8.64
N GLY A 567 5.10 -7.48 -9.68
CA GLY A 567 4.46 -7.59 -10.97
C GLY A 567 3.91 -8.97 -11.30
N LEU A 568 4.31 -9.99 -10.53
CA LEU A 568 3.86 -11.35 -10.78
C LEU A 568 3.26 -11.98 -9.53
N ILE A 569 4.03 -12.05 -8.45
CA ILE A 569 3.55 -12.77 -7.26
C ILE A 569 2.32 -12.09 -6.67
N LEU A 570 2.39 -10.78 -6.45
CA LEU A 570 1.28 -10.09 -5.79
C LEU A 570 0.00 -10.06 -6.63
N PRO A 571 0.05 -9.77 -7.95
CA PRO A 571 -1.20 -9.82 -8.73
C PRO A 571 -1.90 -11.17 -8.65
N VAL A 572 -1.17 -12.26 -8.85
CA VAL A 572 -1.79 -13.58 -8.78
C VAL A 572 -2.33 -13.84 -7.38
N ALA A 573 -1.48 -13.67 -6.35
CA ALA A 573 -1.90 -13.91 -4.97
C ALA A 573 -3.14 -13.12 -4.63
N TYR A 574 -3.17 -11.84 -5.03
CA TYR A 574 -4.35 -11.05 -4.73
C TYR A 574 -5.58 -11.58 -5.46
N GLU A 575 -5.39 -12.03 -6.71
CA GLU A 575 -6.52 -12.64 -7.42
C GLU A 575 -6.91 -13.97 -6.79
N PHE A 576 -5.92 -14.77 -6.41
CA PHE A 576 -6.21 -16.06 -5.81
C PHE A 576 -6.98 -15.91 -4.50
N ASN A 577 -6.75 -14.84 -3.74
CA ASN A 577 -7.42 -14.57 -2.48
C ASN A 577 -7.40 -15.76 -1.52
N PRO A 578 -6.21 -16.22 -1.12
CA PRO A 578 -6.12 -17.43 -0.27
C PRO A 578 -6.68 -17.19 1.12
N ALA A 579 -6.97 -18.31 1.80
CA ALA A 579 -7.37 -18.28 3.20
C ALA A 579 -6.19 -18.42 4.15
N LEU A 580 -5.04 -18.82 3.63
CA LEU A 580 -3.82 -18.97 4.41
C LEU A 580 -2.66 -18.94 3.45
N VAL A 581 -1.54 -18.37 3.91
CA VAL A 581 -0.30 -18.36 3.16
C VAL A 581 0.68 -19.28 3.87
N LEU A 582 1.34 -20.15 3.10
CA LEU A 582 2.32 -21.09 3.64
C LEU A 582 3.66 -20.73 3.03
N GLY A 583 4.50 -20.06 3.82
CA GLY A 583 5.88 -19.81 3.42
C GLY A 583 6.77 -20.99 3.76
N ILE A 584 7.70 -21.29 2.86
CA ILE A 584 8.60 -22.43 3.02
C ILE A 584 9.98 -22.02 2.49
N VAL A 585 11.04 -22.30 3.26
CA VAL A 585 12.40 -21.98 2.86
C VAL A 585 13.29 -23.19 3.07
N GLU A 586 13.99 -23.61 2.02
CA GLU A 586 14.97 -24.68 2.07
C GLU A 586 16.27 -24.18 2.72
N GLU A 587 17.02 -25.10 3.32
CA GLU A 587 18.28 -24.74 3.98
C GLU A 587 19.27 -24.10 3.01
N THR A 588 19.30 -24.58 1.77
CA THR A 588 20.19 -24.02 0.75
C THR A 588 19.78 -22.60 0.34
N THR A 592 20.14 -15.93 3.00
CA THR A 592 21.51 -16.27 2.60
C THR A 592 21.82 -15.59 1.27
N ARG A 593 21.21 -16.07 0.18
CA ARG A 593 21.35 -15.41 -1.12
C ARG A 593 20.31 -14.31 -1.32
N LEU A 594 19.14 -14.47 -0.69
CA LEU A 594 18.07 -13.47 -0.68
C LEU A 594 17.62 -13.23 0.75
N MET A 595 18.60 -13.02 1.64
CA MET A 595 18.31 -12.47 2.95
C MET A 595 17.73 -11.06 2.85
N ARG A 596 17.98 -10.36 1.74
CA ARG A 596 17.64 -8.95 1.62
C ARG A 596 16.20 -8.69 1.17
N VAL A 597 15.50 -9.68 0.63
CA VAL A 597 14.15 -9.47 0.14
C VAL A 597 13.10 -10.25 0.92
N TRP A 598 13.50 -11.18 1.78
CA TRP A 598 12.50 -11.99 2.49
C TRP A 598 11.63 -11.12 3.38
N GLY A 599 12.19 -10.02 3.91
CA GLY A 599 11.41 -9.17 4.78
C GLY A 599 10.32 -8.43 4.03
N HIS A 600 10.63 -7.94 2.82
CA HIS A 600 9.63 -7.23 2.03
C HIS A 600 8.51 -8.18 1.62
N MET A 601 8.87 -9.35 1.10
CA MET A 601 7.85 -10.33 0.74
C MET A 601 6.98 -10.70 1.94
N THR A 602 7.61 -10.99 3.08
CA THR A 602 6.83 -11.35 4.27
C THR A 602 5.89 -10.22 4.64
N CYS A 603 6.36 -8.97 4.54
CA CYS A 603 5.48 -7.84 4.79
C CYS A 603 4.36 -7.76 3.73
N LEU A 604 4.71 -7.78 2.44
CA LEU A 604 3.68 -7.54 1.41
C LEU A 604 2.69 -8.69 1.33
N ILE A 605 3.15 -9.93 1.52
CA ILE A 605 2.27 -11.07 1.41
C ILE A 605 1.24 -11.15 2.53
N GLN A 606 1.37 -10.34 3.59
CA GLN A 606 0.35 -10.25 4.63
C GLN A 606 -0.85 -9.41 4.22
N GLY A 607 -0.82 -8.83 3.01
CA GLY A 607 -2.04 -8.34 2.42
C GLY A 607 -3.02 -9.45 2.07
N LEU A 608 -2.54 -10.68 1.97
CA LEU A 608 -3.41 -11.81 1.69
C LEU A 608 -3.84 -12.51 2.98
N ALA A 609 -5.04 -13.08 2.93
CA ALA A 609 -5.49 -14.05 3.93
C ALA A 609 -5.53 -13.45 5.33
N ARG A 610 -5.89 -12.17 5.44
CA ARG A 610 -6.01 -11.48 6.72
C ARG A 610 -4.69 -11.51 7.50
N GLY A 611 -3.56 -11.59 6.81
CA GLY A 611 -2.27 -11.69 7.46
C GLY A 611 -1.94 -13.07 7.99
N ARG A 612 -2.81 -14.05 7.80
CA ARG A 612 -2.58 -15.40 8.31
C ARG A 612 -1.54 -16.13 7.47
N MET A 613 -0.27 -16.02 7.85
CA MET A 613 0.84 -16.68 7.18
C MET A 613 1.53 -17.63 8.15
N LEU A 614 1.93 -18.80 7.67
CA LEU A 614 2.77 -19.72 8.43
C LEU A 614 4.03 -19.99 7.63
N THR A 615 5.19 -19.65 8.22
CA THR A 615 6.48 -19.82 7.57
C THR A 615 7.18 -21.04 8.16
N LEU A 616 7.51 -22.00 7.31
CA LEU A 616 8.34 -23.14 7.67
C LEU A 616 9.77 -22.82 7.25
N LEU A 617 10.67 -22.68 8.23
CA LEU A 617 12.09 -22.51 7.97
C LEU A 617 12.79 -23.83 8.24
N GLN A 618 13.44 -24.39 7.21
CA GLN A 618 14.18 -25.64 7.35
C GLN A 618 15.59 -25.31 7.82
N GLY A 619 15.95 -25.82 9.00
CA GLY A 619 17.26 -25.55 9.57
C GLY A 619 17.30 -24.22 10.30
N TYR A 620 18.03 -24.16 11.40
CA TYR A 620 18.10 -22.94 12.19
C TYR A 620 19.09 -21.96 11.57
N ASP A 621 18.64 -20.72 11.41
CA ASP A 621 19.50 -19.60 10.99
C ASP A 621 18.93 -18.39 11.71
N LYS A 622 19.62 -17.92 12.75
CA LYS A 622 19.03 -16.89 13.60
C LYS A 622 18.79 -15.59 12.85
N ASP A 623 19.57 -15.31 11.80
CA ASP A 623 19.35 -14.10 11.02
C ASP A 623 18.04 -14.17 10.25
N LEU A 624 17.84 -15.24 9.47
CA LEU A 624 16.59 -15.38 8.73
C LEU A 624 15.41 -15.52 9.68
N LEU A 625 15.59 -16.27 10.78
CA LEU A 625 14.48 -16.42 11.71
C LEU A 625 14.17 -15.12 12.44
N GLU A 626 15.18 -14.29 12.71
CA GLU A 626 14.86 -13.02 13.35
C GLU A 626 14.19 -12.07 12.37
N LEU A 627 14.59 -12.13 11.10
CA LEU A 627 13.96 -11.27 10.10
C LEU A 627 12.52 -11.71 9.82
N THR A 628 12.30 -13.02 9.68
CA THR A 628 10.95 -13.52 9.50
C THR A 628 10.02 -13.08 10.63
N VAL A 629 10.47 -13.23 11.88
CA VAL A 629 9.63 -12.89 13.03
C VAL A 629 9.35 -11.39 13.06
N SER A 630 10.35 -10.58 12.75
CA SER A 630 10.18 -9.13 12.79
C SER A 630 9.12 -8.66 11.80
N ALA A 631 9.27 -9.07 10.54
CA ALA A 631 8.30 -8.72 9.51
C ALA A 631 6.93 -9.29 9.84
N LEU A 632 6.90 -10.56 10.26
CA LEU A 632 5.64 -11.20 10.62
C LEU A 632 4.91 -10.43 11.72
N SER A 633 5.67 -9.85 12.66
CA SER A 633 5.05 -9.21 13.82
C SER A 633 4.62 -7.78 13.53
N GLY A 634 4.87 -7.29 12.32
CA GLY A 634 4.48 -5.96 11.95
C GLY A 634 5.56 -4.93 12.10
N ALA A 635 6.79 -5.34 12.38
CA ALA A 635 7.88 -4.41 12.56
C ALA A 635 8.21 -3.70 11.24
N SER A 636 8.87 -2.55 11.38
CA SER A 636 9.23 -1.75 10.22
C SER A 636 10.31 -2.48 9.42
N ILE A 637 10.19 -2.41 8.10
CA ILE A 637 11.07 -3.14 7.19
C ILE A 637 12.20 -2.21 6.77
N SER A 638 13.44 -2.70 6.83
CA SER A 638 14.57 -1.84 6.49
C SER A 638 14.65 -1.68 4.98
N PRO A 639 15.00 -0.50 4.48
CA PRO A 639 14.95 -0.26 3.03
C PRO A 639 16.00 -1.05 2.25
N LEU A 640 15.73 -1.20 0.96
CA LEU A 640 16.62 -1.91 0.06
C LEU A 640 17.71 -1.01 -0.50
N GLY A 641 17.45 0.29 -0.64
CA GLY A 641 18.39 1.19 -1.25
C GLY A 641 18.57 0.86 -2.71
N PRO A 642 19.69 1.30 -3.29
CA PRO A 642 19.91 1.06 -4.72
C PRO A 642 20.30 -0.39 -4.98
N LEU A 643 19.88 -0.87 -6.15
CA LEU A 643 20.18 -2.23 -6.59
C LEU A 643 20.52 -2.19 -8.07
N ARG A 644 21.46 -3.04 -8.48
CA ARG A 644 21.72 -3.23 -9.89
C ARG A 644 20.44 -3.67 -10.60
N ALA A 645 20.11 -3.00 -11.72
CA ALA A 645 18.92 -3.26 -12.52
C ALA A 645 18.79 -4.75 -12.81
N PRO A 646 17.58 -5.27 -13.01
CA PRO A 646 17.43 -6.72 -13.20
C PRO A 646 18.02 -7.19 -14.53
N LYS A 647 18.47 -8.44 -14.54
CA LYS A 647 19.11 -9.01 -15.72
C LYS A 647 18.10 -9.17 -16.85
N PRO A 648 18.48 -8.85 -18.09
CA PRO A 648 17.53 -9.03 -19.21
C PRO A 648 16.99 -10.44 -19.32
N GLU A 649 17.84 -11.45 -19.06
CA GLU A 649 17.35 -12.83 -19.06
C GLU A 649 16.29 -13.04 -18.00
N ASP A 650 16.45 -12.37 -16.85
CA ASP A 650 15.45 -12.49 -15.79
C ASP A 650 14.16 -11.77 -16.17
N VAL A 651 14.27 -10.58 -16.76
CA VAL A 651 13.07 -9.88 -17.23
C VAL A 651 12.36 -10.70 -18.29
N GLU A 652 13.12 -11.29 -19.21
CA GLU A 652 12.54 -12.17 -20.23
C GLU A 652 11.85 -13.36 -19.60
N MET A 653 12.47 -13.98 -18.59
CA MET A 653 11.85 -15.09 -17.88
C MET A 653 10.54 -14.66 -17.24
N MET A 654 10.53 -13.47 -16.64
CA MET A 654 9.33 -13.00 -15.95
C MET A 654 8.21 -12.69 -16.92
N GLU A 655 8.53 -12.16 -18.10
CA GLU A 655 7.47 -11.85 -19.06
C GLU A 655 6.91 -13.09 -19.74
N LYS A 656 7.73 -14.15 -19.88
CA LYS A 656 7.19 -15.44 -20.31
C LYS A 656 6.16 -15.96 -19.30
N GLN A 657 6.41 -15.77 -18.01
CA GLN A 657 5.44 -16.18 -17.00
C GLN A 657 4.17 -15.37 -17.11
N ARG A 658 4.29 -14.06 -17.34
CA ARG A 658 3.10 -13.23 -17.48
C ARG A 658 2.25 -13.71 -18.65
N GLN A 659 2.88 -13.90 -19.82
CA GLN A 659 2.15 -14.38 -20.99
C GLN A 659 1.46 -15.72 -20.71
N ARG A 660 2.17 -16.62 -20.02
CA ARG A 660 1.61 -17.94 -19.74
C ARG A 660 0.43 -17.88 -18.76
N LEU A 661 0.41 -16.89 -17.85
CA LEU A 661 -0.56 -16.90 -16.76
C LEU A 661 -1.63 -15.82 -16.84
N GLN A 662 -1.44 -14.79 -17.67
CA GLN A 662 -2.32 -13.64 -17.58
C GLN A 662 -3.72 -13.92 -18.14
N GLU A 663 -3.90 -14.98 -18.93
CA GLU A 663 -5.24 -15.29 -19.40
C GLU A 663 -6.10 -15.85 -18.27
N ARG A 664 -5.52 -16.71 -17.42
CA ARG A 664 -6.22 -17.18 -16.23
C ARG A 664 -6.23 -16.13 -15.13
N TRP A 665 -5.12 -15.41 -14.95
CA TRP A 665 -4.96 -14.46 -13.85
C TRP A 665 -4.87 -13.05 -14.42
N GLY A 666 -6.03 -12.46 -14.70
CA GLY A 666 -6.05 -11.19 -15.40
C GLY A 666 -5.43 -10.02 -14.66
N LEU A 667 -5.33 -10.10 -13.32
CA LEU A 667 -4.72 -9.00 -12.61
C LEU A 667 -3.25 -8.82 -12.98
N LEU A 668 -2.66 -9.81 -13.66
CA LEU A 668 -1.31 -9.72 -14.21
C LEU A 668 -1.20 -8.82 -15.43
N ARG A 669 -2.33 -8.50 -16.07
CA ARG A 669 -2.33 -7.79 -17.34
CA ARG A 669 -2.29 -7.80 -17.34
C ARG A 669 -1.87 -6.36 -17.14
N CYS A 670 -0.92 -5.91 -17.95
CA CYS A 670 -0.55 -4.51 -17.98
C CYS A 670 -0.50 -4.00 -19.41
N THR A 671 -1.32 -4.59 -20.29
CA THR A 671 -1.57 -4.19 -21.67
C THR A 671 -3.02 -4.53 -21.98
N VAL A 672 -3.57 -3.90 -23.01
CA VAL A 672 -4.88 -4.33 -23.49
C VAL A 672 -4.71 -5.63 -24.28
N SER A 673 -5.66 -6.54 -24.10
CA SER A 673 -5.61 -7.81 -24.84
C SER A 673 -5.93 -7.57 -26.31
N GLU A 674 -5.21 -8.29 -27.17
CA GLU A 674 -5.54 -8.28 -28.60
C GLU A 674 -6.79 -9.13 -28.82
N SER A 675 -7.76 -8.58 -29.54
CA SER A 675 -8.92 -9.40 -29.88
C SER A 675 -8.61 -10.30 -31.08
N TRP A 676 -9.40 -11.35 -31.22
CA TRP A 676 -9.28 -12.25 -32.37
C TRP A 676 -9.62 -11.51 -33.65
#